data_3MKS
#
_entry.id   3MKS
#
_cell.length_a   108.281
_cell.length_b   108.281
_cell.length_c   165.594
_cell.angle_alpha   90.00
_cell.angle_beta   90.00
_cell.angle_gamma   120.00
#
_symmetry.space_group_name_H-M   'P 32'
#
loop_
_entity.id
_entity.type
_entity.pdbx_description
1 polymer 'Suppressor of kinetochore protein 1'
2 polymer 'Cell division control protein 4'
3 non-polymer 'SULFATE ION'
4 non-polymer "1,1'-binaphthalene-2,2'-dicarboxylic acid"
5 non-polymer GLYCEROL
6 water water
#
loop_
_entity_poly.entity_id
_entity_poly.type
_entity_poly.pdbx_seq_one_letter_code
_entity_poly.pdbx_strand_id
1 'polypeptide(L)'
;GAHMVTSNVVLVSGEGERFTVDKKIAERSLLLKNYLNDMGDDDDEDDDEIVMPVPNVRSSVLQKVIEWAEHHRDSNFPDE
DDDDSRKSAPVDSWDREFLKVDQEMLYEIILAANYLNIKPLLDAGCKVVAEMIRGRSPEEIRRTFNIVNDFTPEEEAAIR
RENEWAEDR
;
A,C
2 'polypeptide(L)'
;GAGTLIKDNLKRDLITSLPFEISLKIFNYLQFEDIINSLGVSQNWNKIIRKSTSLWKKLLISENFVSPKGFNSLNLKLSQ
KYPKLSQQDRLRLSFLENIFILKNWYNPKFVPQRTTLRGHMTSVITCLQFEDNYVITGADDKMIRVYDSINKKFLLQLSG
HDGGVWALKYAHGGILVSGSTDRTVRVWDIKKGCCTHVFEGHNSTVRCLDIVEYKNIKYIVTGSRDNTLHVWKLPKESSV
PDHGEEHDYPLVFHTPEENPYFVGVLRGHMASVRTVSGHGNIVVSGSYDNTLIVWDVAQMKCLYILSGHTDRIYSTIYDH
ERKRCISASMDTTIRIWDLENGELMYTLQGHTALVGLLRLSDKFLVSAAADGSIRGWDANDYSRKFSYHHTNLSAITTFY
VSDNILVSGSENQFNIYNLRSGKLVHANILKDADQIWSVNFKGKTLVAAVEKDGQSFLEILDFS
;
B,D
#
loop_
_chem_comp.id
_chem_comp.type
_chem_comp.name
_chem_comp.formula
C1C non-polymer '1,1'-binaphthalene-2,2'-dicarboxylic acid' 'C22 H14 O4'
GOL non-polymer GLYCEROL 'C3 H8 O3'
SO4 non-polymer 'SULFATE ION' 'O4 S -2'
#
# COMPACT_ATOMS: atom_id res chain seq x y z
N SER A 7 58.74 -10.60 37.99
CA SER A 7 57.92 -9.38 37.67
C SER A 7 56.54 -9.36 38.39
N ASN A 8 56.44 -8.62 39.49
CA ASN A 8 55.20 -8.52 40.30
C ASN A 8 54.34 -7.25 40.07
N VAL A 9 53.14 -7.23 40.67
CA VAL A 9 52.35 -5.99 40.90
C VAL A 9 51.78 -6.01 42.33
N VAL A 10 51.42 -4.86 42.89
CA VAL A 10 50.76 -4.85 44.21
C VAL A 10 49.33 -4.37 44.06
N LEU A 11 48.43 -5.04 44.75
CA LEU A 11 47.02 -4.73 44.69
C LEU A 11 46.55 -4.33 46.08
N VAL A 12 46.03 -3.12 46.25
CA VAL A 12 45.57 -2.73 47.58
C VAL A 12 44.07 -3.00 47.74
N SER A 13 43.69 -3.76 48.77
CA SER A 13 42.28 -4.01 49.05
C SER A 13 41.65 -2.80 49.75
N GLY A 14 40.36 -2.87 50.04
CA GLY A 14 39.66 -1.81 50.77
C GLY A 14 39.93 -1.69 52.26
N GLU A 15 40.41 -2.76 52.90
CA GLU A 15 40.79 -2.73 54.33
C GLU A 15 42.26 -2.33 54.53
N GLY A 16 42.93 -2.00 53.42
CA GLY A 16 44.30 -1.46 53.46
C GLY A 16 45.50 -2.41 53.42
N GLU A 17 45.26 -3.68 53.12
CA GLU A 17 46.33 -4.67 53.05
C GLU A 17 46.91 -4.75 51.63
N ARG A 18 48.23 -4.94 51.56
CA ARG A 18 48.94 -5.05 50.27
C ARG A 18 49.11 -6.53 49.84
N PHE A 19 48.79 -6.81 48.58
CA PHE A 19 48.94 -8.15 48.02
C PHE A 19 49.93 -8.09 46.88
N THR A 20 51.00 -8.85 47.00
CA THR A 20 51.96 -8.85 45.95
C THR A 20 51.61 -10.06 45.12
N VAL A 21 51.42 -9.87 43.83
CA VAL A 21 51.34 -11.05 42.98
C VAL A 21 51.92 -10.87 41.60
N ASP A 22 52.18 -11.99 40.94
CA ASP A 22 52.79 -12.00 39.64
C ASP A 22 51.93 -11.23 38.65
N LYS A 23 52.55 -10.39 37.82
CA LYS A 23 51.86 -9.59 36.77
C LYS A 23 50.91 -10.35 35.84
N LYS A 24 51.38 -11.46 35.26
CA LYS A 24 50.55 -12.26 34.36
C LYS A 24 49.36 -12.89 35.08
N ILE A 25 49.58 -13.33 36.31
CA ILE A 25 48.47 -13.89 37.08
C ILE A 25 47.44 -12.83 37.40
N ALA A 26 47.89 -11.61 37.68
CA ALA A 26 46.95 -10.54 37.99
C ALA A 26 46.23 -10.09 36.73
N GLU A 27 46.86 -10.33 35.58
CA GLU A 27 46.32 -9.94 34.28
C GLU A 27 45.10 -10.80 33.96
N ARG A 28 44.93 -11.85 34.74
CA ARG A 28 43.66 -12.53 34.71
C ARG A 28 42.52 -11.52 34.92
N SER A 29 42.78 -10.46 35.67
CA SER A 29 41.82 -9.41 35.79
C SER A 29 41.95 -8.45 34.62
N LEU A 30 40.85 -8.24 33.91
CA LEU A 30 40.88 -7.43 32.69
C LEU A 30 41.00 -5.96 33.02
N LEU A 31 40.30 -5.54 34.07
CA LEU A 31 40.46 -4.21 34.68
C LEU A 31 41.95 -3.96 34.97
N LEU A 32 42.59 -4.94 35.59
CA LEU A 32 44.03 -4.92 35.85
C LEU A 32 44.85 -4.79 34.57
N LYS A 33 44.62 -5.75 33.67
CA LYS A 33 45.26 -5.86 32.36
C LYS A 33 45.26 -4.50 31.64
N ASN A 34 44.05 -3.96 31.39
CA ASN A 34 43.86 -2.79 30.55
C ASN A 34 44.80 -1.59 30.82
N TYR A 35 45.31 -0.99 29.72
CA TYR A 35 46.19 0.20 29.71
C TYR A 35 46.24 0.93 28.38
N GLU A 49 57.24 -2.22 40.89
CA GLU A 49 56.54 -0.96 40.72
C GLU A 49 55.11 -1.30 40.31
N ILE A 50 54.25 -0.28 40.19
CA ILE A 50 52.84 -0.45 39.75
C ILE A 50 51.94 -1.00 40.85
N VAL A 51 51.02 -0.15 41.33
CA VAL A 51 50.22 -0.46 42.53
C VAL A 51 48.76 -0.12 42.32
N MET A 52 47.95 -1.08 41.86
CA MET A 52 46.52 -0.84 41.63
C MET A 52 45.67 -1.13 42.86
N PRO A 53 44.81 -0.15 43.24
CA PRO A 53 43.79 -0.24 44.27
C PRO A 53 42.60 -1.13 43.91
N VAL A 54 42.09 -1.85 44.91
CA VAL A 54 40.84 -2.62 44.82
C VAL A 54 39.83 -2.09 45.84
N PRO A 55 39.21 -0.91 45.53
CA PRO A 55 38.16 -0.28 46.34
C PRO A 55 36.95 -1.20 46.70
N ASN A 56 36.58 -1.20 48.00
CA ASN A 56 35.33 -1.84 48.54
C ASN A 56 35.24 -3.37 48.43
N VAL A 57 36.38 -4.01 48.70
CA VAL A 57 36.61 -5.41 48.44
C VAL A 57 37.47 -5.79 49.63
N ARG A 58 36.83 -6.42 50.61
CA ARG A 58 37.47 -6.92 51.81
C ARG A 58 38.77 -7.68 51.55
N SER A 59 39.82 -7.29 52.24
CA SER A 59 41.09 -7.95 52.03
C SER A 59 40.96 -9.49 52.00
N SER A 60 40.07 -10.04 52.82
CA SER A 60 39.88 -11.49 52.88
C SER A 60 39.22 -12.02 51.59
N VAL A 61 38.52 -11.14 50.88
CA VAL A 61 37.95 -11.40 49.55
C VAL A 61 38.97 -11.37 48.40
N LEU A 62 39.73 -10.28 48.31
CA LEU A 62 40.72 -10.16 47.27
C LEU A 62 41.74 -11.29 47.40
N GLN A 63 41.99 -11.75 48.64
CA GLN A 63 42.96 -12.83 48.89
C GLN A 63 42.50 -14.03 48.09
N LYS A 64 41.21 -14.33 48.30
CA LYS A 64 40.61 -15.51 47.80
C LYS A 64 40.53 -15.44 46.27
N VAL A 65 40.36 -14.23 45.72
CA VAL A 65 40.42 -14.04 44.26
C VAL A 65 41.79 -14.37 43.67
N ILE A 66 42.82 -13.83 44.33
CA ILE A 66 44.18 -14.00 43.93
C ILE A 66 44.48 -15.45 44.00
N GLU A 67 44.01 -16.09 45.07
CA GLU A 67 44.17 -17.54 45.21
C GLU A 67 43.55 -18.29 44.00
N TRP A 68 42.28 -18.05 43.70
CA TRP A 68 41.69 -18.57 42.48
C TRP A 68 42.57 -18.29 41.26
N ALA A 69 43.05 -17.06 41.12
CA ALA A 69 43.81 -16.70 39.93
C ALA A 69 45.12 -17.46 39.83
N GLU A 70 45.81 -17.68 40.95
CA GLU A 70 47.08 -18.39 40.92
C GLU A 70 46.86 -19.87 40.61
N HIS A 71 45.87 -20.46 41.26
CA HIS A 71 45.48 -21.81 40.96
C HIS A 71 45.27 -22.01 39.47
N HIS A 72 44.68 -21.00 38.83
CA HIS A 72 44.23 -21.10 37.43
C HIS A 72 45.19 -20.47 36.44
N ARG A 73 46.38 -20.09 36.90
CA ARG A 73 47.43 -19.53 36.01
C ARG A 73 47.50 -20.20 34.62
N ASP A 74 47.49 -21.53 34.53
CA ASP A 74 47.51 -22.20 33.19
C ASP A 74 46.18 -22.90 32.90
N SER A 75 45.10 -22.16 33.00
CA SER A 75 43.82 -22.68 32.59
C SER A 75 43.33 -21.80 31.45
N ASN A 76 42.83 -22.41 30.40
CA ASN A 76 42.06 -21.65 29.44
C ASN A 76 40.61 -22.04 29.61
N PHE A 77 39.73 -21.14 29.22
CA PHE A 77 38.32 -21.44 29.29
C PHE A 77 37.75 -21.04 27.94
N PRO A 78 36.59 -21.59 27.57
CA PRO A 78 35.78 -21.15 26.42
C PRO A 78 35.52 -19.61 26.33
N ASP A 79 34.48 -19.23 25.56
CA ASP A 79 34.02 -17.85 25.37
C ASP A 79 32.52 -17.77 25.65
N LYS A 87 22.83 -25.70 28.75
CA LYS A 87 23.81 -26.07 29.75
C LYS A 87 25.28 -25.78 29.34
N SER A 88 26.19 -25.83 30.32
CA SER A 88 27.50 -25.18 30.25
C SER A 88 28.59 -26.06 30.87
N ALA A 89 29.85 -25.66 30.73
CA ALA A 89 30.98 -26.32 31.41
C ALA A 89 30.76 -26.38 32.94
N PRO A 90 30.44 -27.57 33.53
CA PRO A 90 30.15 -27.58 34.98
C PRO A 90 31.37 -27.14 35.81
N VAL A 91 31.12 -26.72 37.04
CA VAL A 91 32.17 -26.16 37.86
C VAL A 91 33.27 -27.17 38.19
N ASP A 92 34.51 -26.72 38.01
CA ASP A 92 35.75 -27.46 38.35
C ASP A 92 35.71 -28.03 39.79
N SER A 93 36.11 -29.26 39.94
CA SER A 93 36.14 -29.91 41.24
C SER A 93 36.81 -29.09 42.37
N TRP A 94 37.94 -28.42 42.08
CA TRP A 94 38.60 -27.44 42.97
C TRP A 94 37.75 -26.19 43.16
N ASP A 95 37.29 -25.58 42.07
CA ASP A 95 36.52 -24.34 42.18
C ASP A 95 35.35 -24.56 43.11
N ARG A 96 34.88 -25.80 43.21
CA ARG A 96 33.72 -26.09 44.04
C ARG A 96 34.00 -26.00 45.55
N GLU A 97 35.16 -26.50 45.98
CA GLU A 97 35.61 -26.37 47.38
C GLU A 97 35.98 -24.94 47.73
N PHE A 98 36.78 -24.32 46.86
CA PHE A 98 37.20 -22.96 47.07
C PHE A 98 35.98 -22.06 47.19
N LEU A 99 34.86 -22.44 46.56
CA LEU A 99 33.60 -21.66 46.68
C LEU A 99 32.61 -22.20 47.73
N LYS A 100 33.01 -23.25 48.47
CA LYS A 100 32.16 -23.72 49.54
C LYS A 100 32.45 -22.84 50.75
N VAL A 101 31.82 -21.67 50.76
CA VAL A 101 32.09 -20.61 51.75
C VAL A 101 30.73 -20.15 52.27
N ASP A 102 30.71 -19.16 53.15
CA ASP A 102 29.43 -18.62 53.62
C ASP A 102 28.92 -17.64 52.56
N GLN A 103 27.62 -17.42 52.54
CA GLN A 103 27.02 -16.68 51.43
C GLN A 103 27.54 -15.25 51.23
N GLU A 104 27.86 -14.58 52.32
CA GLU A 104 28.44 -13.24 52.21
C GLU A 104 29.83 -13.23 51.51
N MET A 105 30.66 -14.24 51.77
CA MET A 105 31.90 -14.38 51.02
C MET A 105 31.53 -14.69 49.57
N LEU A 106 30.66 -15.68 49.40
CA LEU A 106 30.22 -16.00 48.05
C LEU A 106 29.79 -14.74 47.32
N TYR A 107 29.07 -13.87 48.01
CA TYR A 107 28.49 -12.70 47.40
C TYR A 107 29.57 -11.72 47.03
N GLU A 108 30.50 -11.44 47.94
CA GLU A 108 31.51 -10.40 47.68
C GLU A 108 32.50 -10.82 46.63
N ILE A 109 32.81 -12.12 46.56
CA ILE A 109 33.66 -12.69 45.49
C ILE A 109 33.06 -12.53 44.12
N ILE A 110 31.75 -12.84 43.99
CA ILE A 110 31.00 -12.62 42.73
C ILE A 110 31.02 -11.13 42.33
N LEU A 111 30.67 -10.27 43.29
CA LEU A 111 30.98 -8.85 43.24
C LEU A 111 32.42 -8.51 42.75
N ALA A 112 33.41 -9.21 43.30
CA ALA A 112 34.80 -8.88 43.04
C ALA A 112 35.16 -9.24 41.64
N ALA A 113 34.72 -10.42 41.20
CA ALA A 113 34.97 -10.86 39.87
C ALA A 113 34.16 -10.00 38.90
N ASN A 114 33.01 -9.50 39.32
CA ASN A 114 32.37 -8.59 38.42
C ASN A 114 33.21 -7.33 38.32
N TYR A 115 33.50 -6.72 39.46
CA TYR A 115 34.32 -5.51 39.49
C TYR A 115 35.63 -5.68 38.72
N LEU A 116 36.27 -6.83 38.88
CA LEU A 116 37.59 -7.03 38.32
C LEU A 116 37.52 -7.59 36.93
N ASN A 117 36.31 -7.95 36.51
CA ASN A 117 36.07 -8.54 35.19
C ASN A 117 36.85 -9.86 34.96
N ILE A 118 36.67 -10.79 35.90
CA ILE A 118 37.21 -12.13 35.80
C ILE A 118 36.05 -13.05 35.51
N LYS A 119 35.66 -13.04 34.24
CA LYS A 119 34.48 -13.72 33.79
C LYS A 119 34.44 -15.20 34.20
N PRO A 120 35.56 -15.91 34.06
CA PRO A 120 35.43 -17.31 34.44
C PRO A 120 35.08 -17.51 35.91
N LEU A 121 35.40 -16.52 36.75
CA LEU A 121 35.15 -16.60 38.19
C LEU A 121 33.69 -16.21 38.50
N LEU A 122 33.22 -15.17 37.87
CA LEU A 122 31.83 -14.81 37.97
C LEU A 122 30.98 -16.00 37.52
N ASP A 123 31.37 -16.60 36.42
CA ASP A 123 30.69 -17.77 35.96
C ASP A 123 30.66 -18.81 37.09
N ALA A 124 31.81 -19.22 37.59
CA ALA A 124 31.80 -20.28 38.58
C ALA A 124 30.89 -19.89 39.71
N GLY A 125 31.02 -18.65 40.15
CA GLY A 125 30.32 -18.13 41.30
C GLY A 125 28.84 -18.30 41.11
N CYS A 126 28.33 -17.79 40.00
CA CYS A 126 26.93 -17.96 39.60
C CYS A 126 26.46 -19.41 39.55
N LYS A 127 27.27 -20.29 38.96
CA LYS A 127 26.94 -21.71 38.90
C LYS A 127 26.75 -22.28 40.30
N VAL A 128 27.56 -21.86 41.26
CA VAL A 128 27.40 -22.38 42.60
C VAL A 128 26.12 -21.90 43.27
N VAL A 129 25.84 -20.60 43.19
CA VAL A 129 24.54 -20.06 43.60
C VAL A 129 23.38 -20.83 42.94
N ALA A 130 23.49 -21.10 41.63
CA ALA A 130 22.42 -21.85 40.95
C ALA A 130 22.34 -23.24 41.51
N GLU A 131 23.48 -23.80 41.94
CA GLU A 131 23.52 -25.13 42.55
C GLU A 131 22.77 -25.09 43.88
N MET A 132 22.70 -23.93 44.50
CA MET A 132 21.96 -23.80 45.75
C MET A 132 20.46 -23.79 45.54
N ILE A 133 20.03 -23.21 44.42
CA ILE A 133 18.63 -23.14 44.15
C ILE A 133 18.16 -24.49 43.63
N ARG A 134 19.04 -25.20 42.92
CA ARG A 134 18.59 -26.35 42.13
C ARG A 134 17.74 -27.31 42.97
N GLY A 135 16.63 -27.78 42.40
CA GLY A 135 15.81 -28.82 43.04
C GLY A 135 15.00 -28.40 44.26
N ARG A 136 15.46 -27.38 44.98
CA ARG A 136 14.78 -26.91 46.20
C ARG A 136 13.32 -26.44 46.03
N SER A 137 12.62 -26.26 47.15
CA SER A 137 11.29 -25.70 47.11
C SER A 137 11.34 -24.25 47.56
N PRO A 138 10.23 -23.51 47.40
CA PRO A 138 10.07 -22.14 47.84
C PRO A 138 10.42 -21.84 49.30
N GLU A 139 9.83 -22.57 50.25
CA GLU A 139 10.25 -22.48 51.67
C GLU A 139 11.73 -22.86 51.83
N GLU A 140 12.09 -24.07 51.35
CA GLU A 140 13.48 -24.52 51.31
C GLU A 140 14.38 -23.36 50.91
N ILE A 141 14.08 -22.75 49.76
CA ILE A 141 14.90 -21.64 49.24
C ILE A 141 15.07 -20.47 50.21
N ARG A 142 13.92 -19.88 50.60
CA ARG A 142 13.83 -18.83 51.64
C ARG A 142 14.72 -19.09 52.88
N ARG A 143 14.62 -20.30 53.42
CA ARG A 143 15.40 -20.68 54.58
C ARG A 143 16.87 -20.64 54.20
N THR A 144 17.16 -21.08 52.97
CA THR A 144 18.52 -21.07 52.45
C THR A 144 19.10 -19.63 52.33
N PHE A 145 18.27 -18.60 52.22
CA PHE A 145 18.81 -17.22 52.25
C PHE A 145 18.24 -16.24 53.32
N ASN A 146 17.40 -16.74 54.22
CA ASN A 146 16.83 -15.88 55.25
C ASN A 146 15.94 -14.76 54.64
N ILE A 147 15.35 -15.03 53.47
CA ILE A 147 14.47 -14.03 52.81
C ILE A 147 13.05 -14.08 53.36
N VAL A 148 12.36 -12.94 53.29
CA VAL A 148 11.04 -12.79 53.89
C VAL A 148 9.96 -13.00 52.84
N ASN A 149 9.12 -14.00 53.09
CA ASN A 149 7.87 -14.27 52.34
C ASN A 149 6.90 -13.13 52.50
N ASP A 150 6.87 -12.21 51.55
CA ASP A 150 5.94 -11.09 51.65
C ASP A 150 4.79 -11.20 50.67
N PHE A 151 4.36 -12.42 50.40
CA PHE A 151 3.18 -12.67 49.61
C PHE A 151 1.93 -12.64 50.48
N THR A 152 0.97 -11.86 50.01
CA THR A 152 -0.33 -11.80 50.64
C THR A 152 -0.98 -13.18 50.55
N PRO A 153 -1.81 -13.53 51.55
CA PRO A 153 -2.52 -14.79 51.40
C PRO A 153 -3.03 -15.05 49.95
N GLU A 154 -3.47 -14.01 49.24
CA GLU A 154 -4.08 -14.14 47.91
C GLU A 154 -3.08 -14.23 46.75
N GLU A 155 -1.98 -13.49 46.82
CA GLU A 155 -0.85 -13.72 45.91
C GLU A 155 -0.18 -15.08 46.20
N GLU A 156 -0.18 -15.53 47.46
CA GLU A 156 0.34 -16.87 47.81
C GLU A 156 -0.44 -17.96 47.08
N ALA A 157 -1.69 -18.11 47.47
CA ALA A 157 -2.58 -19.11 46.92
C ALA A 157 -2.79 -19.03 45.40
N ALA A 158 -2.24 -18.01 44.76
CA ALA A 158 -2.43 -17.81 43.30
C ALA A 158 -2.02 -19.01 42.41
N ILE A 159 -1.49 -20.06 43.03
CA ILE A 159 -0.51 -21.02 42.44
C ILE A 159 -0.92 -21.91 41.23
N ARG A 160 0.01 -21.97 40.26
CA ARG A 160 -0.16 -22.67 38.97
C ARG A 160 0.04 -24.18 39.12
N LEU B 10 25.36 -14.41 60.00
CA LEU B 10 24.17 -14.96 59.29
C LEU B 10 24.37 -15.08 57.74
N LYS B 11 23.32 -14.79 56.95
CA LYS B 11 23.21 -15.12 55.50
C LYS B 11 22.93 -13.90 54.58
N ARG B 12 22.59 -14.15 53.31
CA ARG B 12 22.16 -13.07 52.38
C ARG B 12 21.14 -13.46 51.28
N ASP B 13 20.35 -12.47 50.87
CA ASP B 13 19.42 -12.64 49.74
C ASP B 13 20.22 -12.23 48.52
N LEU B 14 20.86 -13.24 47.96
CA LEU B 14 21.86 -12.98 46.96
C LEU B 14 21.25 -12.41 45.69
N ILE B 15 20.14 -13.02 45.29
CA ILE B 15 19.35 -12.58 44.15
C ILE B 15 19.04 -11.09 44.17
N THR B 16 18.61 -10.60 45.32
CA THR B 16 18.14 -9.24 45.40
C THR B 16 19.34 -8.30 45.48
N SER B 17 20.41 -8.80 46.10
CA SER B 17 21.55 -7.96 46.46
C SER B 17 22.45 -7.69 45.28
N LEU B 18 22.62 -8.73 44.45
CA LEU B 18 23.42 -8.68 43.23
C LEU B 18 22.73 -7.87 42.17
N PRO B 19 23.51 -7.14 41.31
CA PRO B 19 22.99 -6.44 40.13
C PRO B 19 22.09 -7.35 39.30
N PHE B 20 21.06 -6.76 38.68
CA PHE B 20 20.06 -7.51 37.87
C PHE B 20 20.71 -8.53 36.91
N GLU B 21 21.65 -8.04 36.12
CA GLU B 21 22.39 -8.80 35.12
C GLU B 21 23.03 -10.11 35.67
N ILE B 22 23.54 -10.06 36.91
CA ILE B 22 24.19 -11.22 37.49
C ILE B 22 23.18 -12.25 37.99
N SER B 23 22.16 -11.79 38.69
CA SER B 23 21.13 -12.72 39.16
C SER B 23 20.46 -13.38 37.99
N LEU B 24 20.30 -12.66 36.90
CA LEU B 24 19.76 -13.20 35.67
C LEU B 24 20.62 -14.35 35.21
N LYS B 25 21.91 -14.07 35.13
CA LYS B 25 22.89 -15.06 34.69
C LYS B 25 22.87 -16.31 35.60
N ILE B 26 22.57 -16.11 36.87
CA ILE B 26 22.33 -17.25 37.74
C ILE B 26 21.09 -18.03 37.26
N PHE B 27 20.02 -17.31 36.98
CA PHE B 27 18.76 -17.96 36.54
C PHE B 27 18.91 -18.72 35.22
N ASN B 28 19.70 -18.18 34.28
CA ASN B 28 19.92 -18.89 33.03
C ASN B 28 20.60 -20.22 33.22
N TYR B 29 21.11 -20.50 34.42
CA TYR B 29 21.80 -21.76 34.62
C TYR B 29 20.87 -22.86 35.03
N LEU B 30 19.66 -22.50 35.46
CA LEU B 30 18.73 -23.45 36.05
C LEU B 30 17.79 -23.98 35.03
N GLN B 31 17.14 -25.11 35.35
CA GLN B 31 16.12 -25.71 34.52
C GLN B 31 14.80 -25.02 34.75
N PHE B 32 13.91 -25.06 33.76
CA PHE B 32 12.67 -24.34 33.92
C PHE B 32 11.97 -24.63 35.24
N GLU B 33 12.05 -25.86 35.74
CA GLU B 33 11.39 -26.20 37.02
C GLU B 33 11.84 -25.23 38.12
N ASP B 34 13.14 -24.98 38.12
CA ASP B 34 13.76 -24.33 39.24
C ASP B 34 13.48 -22.85 39.18
N ILE B 35 13.27 -22.41 37.95
CA ILE B 35 12.82 -21.05 37.70
C ILE B 35 11.36 -20.82 38.10
N ILE B 36 10.44 -21.75 37.82
CA ILE B 36 9.08 -21.54 38.34
C ILE B 36 9.11 -21.43 39.84
N ASN B 37 9.63 -22.49 40.47
CA ASN B 37 9.84 -22.50 41.91
C ASN B 37 10.31 -21.11 42.37
N SER B 38 11.33 -20.58 41.71
CA SER B 38 11.89 -19.32 42.17
C SER B 38 10.89 -18.18 42.10
N LEU B 39 9.90 -18.31 41.22
CA LEU B 39 8.85 -17.29 41.12
C LEU B 39 8.08 -17.21 42.45
N GLY B 40 7.93 -18.36 43.11
CA GLY B 40 7.31 -18.41 44.43
C GLY B 40 8.29 -18.26 45.57
N VAL B 41 8.96 -17.13 45.66
CA VAL B 41 9.91 -16.92 46.73
C VAL B 41 9.70 -15.52 47.23
N SER B 42 9.50 -14.56 46.34
CA SER B 42 9.22 -13.20 46.80
C SER B 42 8.75 -12.21 45.75
N GLN B 43 8.17 -11.12 46.20
CA GLN B 43 7.80 -10.03 45.30
C GLN B 43 8.99 -9.54 44.49
N ASN B 44 10.18 -9.49 45.11
CA ASN B 44 11.37 -9.08 44.38
C ASN B 44 11.91 -10.17 43.50
N TRP B 45 11.89 -11.43 43.98
CA TRP B 45 12.31 -12.58 43.16
C TRP B 45 11.40 -12.67 41.92
N ASN B 46 10.12 -12.93 42.18
CA ASN B 46 9.05 -12.90 41.18
C ASN B 46 9.22 -11.73 40.23
N LYS B 47 9.40 -10.51 40.74
CA LYS B 47 9.67 -9.34 39.88
C LYS B 47 10.85 -9.62 38.95
N ILE B 48 12.05 -9.77 39.52
CA ILE B 48 13.27 -9.98 38.77
C ILE B 48 13.10 -10.95 37.64
N ILE B 49 12.45 -12.07 37.94
CA ILE B 49 12.29 -13.16 37.03
C ILE B 49 11.37 -12.80 35.87
N ARG B 50 10.43 -11.92 36.11
CA ARG B 50 9.49 -11.61 35.06
C ARG B 50 9.84 -10.31 34.39
N LYS B 51 10.84 -9.64 34.91
CA LYS B 51 11.32 -8.46 34.24
C LYS B 51 12.03 -9.01 33.02
N SER B 52 12.17 -10.32 32.96
CA SER B 52 13.16 -10.85 32.07
C SER B 52 12.61 -11.52 30.80
N THR B 53 12.94 -10.93 29.66
CA THR B 53 12.50 -11.43 28.38
C THR B 53 13.41 -12.52 27.86
N SER B 54 14.70 -12.29 28.06
CA SER B 54 15.75 -13.24 27.74
C SER B 54 15.60 -14.58 28.40
N LEU B 55 15.34 -14.55 29.69
CA LEU B 55 15.18 -15.79 30.38
C LEU B 55 14.24 -16.67 29.54
N TRP B 56 13.04 -16.20 29.25
CA TRP B 56 12.02 -17.01 28.61
C TRP B 56 12.30 -17.28 27.17
N LYS B 57 12.90 -16.32 26.50
CA LYS B 57 13.36 -16.53 25.13
C LYS B 57 14.38 -17.66 25.04
N LYS B 58 15.37 -17.69 25.95
CA LYS B 58 16.40 -18.73 25.87
C LYS B 58 15.74 -20.05 26.12
N LEU B 59 14.74 -20.05 27.01
CA LEU B 59 13.96 -21.24 27.31
C LEU B 59 13.15 -21.80 26.13
N LEU B 60 12.35 -20.99 25.45
CA LEU B 60 11.63 -21.44 24.26
C LEU B 60 12.52 -22.06 23.22
N ILE B 61 13.62 -21.37 22.97
CA ILE B 61 14.65 -21.80 22.04
C ILE B 61 15.24 -23.09 22.49
N SER B 62 15.61 -23.20 23.75
CA SER B 62 16.35 -24.42 24.07
C SER B 62 15.48 -25.69 24.10
N GLU B 63 14.18 -25.56 24.24
CA GLU B 63 13.33 -26.73 24.14
C GLU B 63 12.80 -26.87 22.71
N ASN B 64 13.34 -26.04 21.81
CA ASN B 64 12.95 -26.08 20.38
C ASN B 64 11.50 -25.74 20.14
N PHE B 65 10.96 -24.73 20.82
CA PHE B 65 9.57 -24.33 20.54
C PHE B 65 9.52 -23.23 19.53
N VAL B 66 10.70 -22.73 19.17
CA VAL B 66 10.87 -21.68 18.17
C VAL B 66 12.36 -21.61 17.89
N SER B 67 12.75 -20.93 16.84
CA SER B 67 14.15 -20.86 16.43
C SER B 67 14.56 -19.38 16.44
N PRO B 68 15.86 -19.09 16.61
CA PRO B 68 16.22 -17.67 16.51
C PRO B 68 15.47 -16.92 15.42
N LYS B 69 15.33 -17.48 14.22
CA LYS B 69 14.72 -16.77 13.09
C LYS B 69 13.24 -16.64 13.28
N GLY B 70 12.58 -17.69 13.79
CA GLY B 70 11.13 -17.70 13.97
C GLY B 70 10.58 -16.84 15.11
N PHE B 71 11.47 -16.30 15.92
CA PHE B 71 11.10 -15.56 17.14
C PHE B 71 10.13 -14.37 17.02
N ASN B 72 10.52 -13.34 16.26
CA ASN B 72 9.63 -12.21 15.99
C ASN B 72 8.24 -12.59 15.53
N SER B 73 8.15 -13.60 14.71
CA SER B 73 6.87 -14.01 14.26
C SER B 73 6.07 -14.72 15.36
N LEU B 74 6.73 -15.44 16.26
CA LEU B 74 5.96 -16.06 17.35
C LEU B 74 5.55 -14.98 18.33
N ASN B 75 6.46 -14.03 18.56
CA ASN B 75 6.14 -12.83 19.28
C ASN B 75 4.93 -12.03 18.80
N LEU B 76 4.82 -11.82 17.51
CA LEU B 76 3.67 -11.08 16.98
C LEU B 76 2.43 -11.89 17.23
N LYS B 77 2.47 -13.18 16.95
CA LYS B 77 1.31 -14.04 17.20
C LYS B 77 0.80 -13.99 18.66
N LEU B 78 1.69 -13.84 19.63
CA LEU B 78 1.34 -13.88 21.05
C LEU B 78 0.79 -12.54 21.45
N SER B 79 1.35 -11.53 20.82
CA SER B 79 0.79 -10.20 20.84
C SER B 79 -0.64 -10.16 20.27
N GLN B 80 -0.85 -10.74 19.08
CA GLN B 80 -2.21 -10.78 18.52
C GLN B 80 -3.18 -11.58 19.38
N LYS B 81 -2.69 -12.48 20.21
CA LYS B 81 -3.54 -13.28 21.08
C LYS B 81 -3.63 -12.83 22.57
N TYR B 82 -2.56 -12.26 23.12
CA TYR B 82 -2.60 -11.76 24.49
C TYR B 82 -2.31 -10.26 24.55
N PRO B 83 -3.19 -9.47 23.95
CA PRO B 83 -2.84 -8.08 23.85
C PRO B 83 -2.53 -7.43 25.19
N LYS B 84 -3.13 -7.93 26.28
CA LYS B 84 -3.02 -7.23 27.55
C LYS B 84 -1.89 -7.74 28.43
N LEU B 85 -1.15 -8.70 27.92
CA LEU B 85 0.00 -9.14 28.63
C LEU B 85 1.29 -8.44 28.18
N SER B 86 2.30 -8.40 29.04
CA SER B 86 3.63 -7.91 28.67
C SER B 86 4.43 -8.99 27.86
N GLN B 87 5.51 -8.59 27.16
CA GLN B 87 6.29 -9.53 26.37
C GLN B 87 6.74 -10.71 27.21
N GLN B 88 7.18 -10.42 28.43
CA GLN B 88 7.70 -11.43 29.34
C GLN B 88 6.59 -12.36 29.67
N ASP B 89 5.47 -11.83 30.06
CA ASP B 89 4.47 -12.72 30.55
C ASP B 89 3.96 -13.55 29.42
N ARG B 90 3.76 -12.97 28.25
CA ARG B 90 3.48 -13.76 27.05
C ARG B 90 4.46 -14.92 26.90
N LEU B 91 5.76 -14.61 26.80
CA LEU B 91 6.76 -15.65 26.66
C LEU B 91 6.65 -16.75 27.71
N ARG B 92 6.44 -16.36 28.96
CA ARG B 92 6.31 -17.32 30.05
C ARG B 92 5.11 -18.25 29.87
N LEU B 93 4.02 -17.65 29.45
CA LEU B 93 2.80 -18.35 29.20
C LEU B 93 3.06 -19.37 28.09
N SER B 94 3.70 -18.91 27.04
CA SER B 94 3.79 -19.73 25.88
C SER B 94 4.73 -20.86 26.23
N PHE B 95 5.82 -20.57 26.95
CA PHE B 95 6.73 -21.65 27.37
C PHE B 95 6.02 -22.67 28.24
N LEU B 96 5.29 -22.20 29.24
CA LEU B 96 4.60 -23.08 30.15
C LEU B 96 3.46 -23.86 29.44
N GLU B 97 2.81 -23.27 28.44
CA GLU B 97 1.83 -24.04 27.71
C GLU B 97 2.59 -25.12 26.94
N ASN B 98 3.65 -24.74 26.21
CA ASN B 98 4.45 -25.68 25.45
C ASN B 98 5.12 -26.83 26.24
N ILE B 99 5.72 -26.52 27.40
CA ILE B 99 6.41 -27.55 28.18
C ILE B 99 5.38 -28.61 28.67
N PHE B 100 4.19 -28.16 29.07
CA PHE B 100 3.11 -29.05 29.49
C PHE B 100 2.59 -29.91 28.31
N ILE B 101 2.49 -29.36 27.13
CA ILE B 101 2.08 -30.22 26.03
C ILE B 101 3.19 -31.23 25.69
N LEU B 102 4.45 -30.83 25.75
CA LEU B 102 5.53 -31.69 25.35
C LEU B 102 5.66 -32.84 26.37
N LYS B 103 5.44 -32.54 27.66
CA LYS B 103 5.53 -33.55 28.69
C LYS B 103 4.52 -34.65 28.30
N ASN B 104 3.31 -34.23 27.94
CA ASN B 104 2.30 -35.17 27.51
C ASN B 104 2.72 -36.03 26.32
N TRP B 105 3.18 -35.39 25.27
CA TRP B 105 3.60 -36.10 24.08
C TRP B 105 4.68 -37.09 24.45
N TYR B 106 5.52 -36.76 25.41
CA TYR B 106 6.70 -37.57 25.77
C TYR B 106 6.43 -38.65 26.80
N ASN B 107 5.24 -38.64 27.37
CA ASN B 107 4.96 -39.46 28.52
C ASN B 107 4.32 -40.80 28.13
N PRO B 108 5.11 -41.89 28.26
CA PRO B 108 4.61 -43.25 27.93
C PRO B 108 3.28 -43.58 28.59
N LYS B 109 3.00 -43.00 29.76
CA LYS B 109 1.76 -43.31 30.53
C LYS B 109 0.61 -42.34 30.22
N PHE B 110 0.87 -41.31 29.42
CA PHE B 110 -0.15 -40.37 28.94
C PHE B 110 -0.79 -40.94 27.70
N VAL B 111 -2.13 -41.01 27.65
CA VAL B 111 -2.84 -41.32 26.39
C VAL B 111 -3.73 -40.17 25.96
N PRO B 112 -3.61 -39.72 24.71
CA PRO B 112 -4.37 -38.58 24.23
C PRO B 112 -5.81 -38.90 23.99
N GLN B 113 -6.67 -37.88 24.02
CA GLN B 113 -8.06 -38.05 23.62
C GLN B 113 -8.18 -38.31 22.11
N ARG B 114 -9.11 -39.18 21.73
CA ARG B 114 -9.28 -39.57 20.36
C ARG B 114 -10.66 -39.24 19.90
N THR B 115 -10.75 -38.68 18.71
CA THR B 115 -12.01 -38.45 18.04
C THR B 115 -11.78 -39.02 16.67
N THR B 116 -12.64 -39.95 16.29
CA THR B 116 -12.63 -40.57 14.98
C THR B 116 -13.78 -40.00 14.13
N LEU B 117 -13.51 -39.31 13.02
CA LEU B 117 -14.62 -38.79 12.18
C LEU B 117 -14.72 -39.49 10.86
N ARG B 118 -15.92 -39.49 10.29
CA ARG B 118 -16.15 -40.05 8.96
C ARG B 118 -15.23 -39.31 7.96
N GLY B 119 -14.71 -40.07 7.01
CA GLY B 119 -13.83 -39.54 5.99
C GLY B 119 -14.57 -39.36 4.70
N HIS B 120 -14.02 -39.90 3.63
CA HIS B 120 -14.49 -39.64 2.27
C HIS B 120 -15.28 -40.84 1.85
N MET B 121 -15.93 -40.80 0.68
CA MET B 121 -16.72 -41.94 0.18
C MET B 121 -15.80 -43.11 -0.23
N THR B 122 -14.51 -42.85 -0.27
CA THR B 122 -13.56 -43.84 -0.73
C THR B 122 -12.52 -44.10 0.31
N SER B 123 -11.95 -45.29 0.33
CA SER B 123 -11.02 -45.68 1.38
C SER B 123 -9.65 -44.97 1.35
N VAL B 124 -9.13 -44.62 0.17
CA VAL B 124 -7.86 -43.87 0.13
C VAL B 124 -8.08 -42.35 0.30
N ILE B 125 -7.35 -41.68 1.20
CA ILE B 125 -7.29 -40.22 1.29
C ILE B 125 -6.02 -39.77 0.59
N THR B 126 -6.13 -38.80 -0.33
CA THR B 126 -4.95 -38.42 -1.11
C THR B 126 -4.21 -37.19 -0.64
N CYS B 127 -4.89 -36.24 -0.03
CA CYS B 127 -4.13 -35.14 0.61
C CYS B 127 -4.71 -34.58 1.87
N LEU B 128 -3.85 -33.87 2.60
CA LEU B 128 -4.13 -33.31 3.92
C LEU B 128 -3.37 -32.04 4.21
N GLN B 129 -4.14 -31.00 4.54
CA GLN B 129 -3.63 -29.78 5.13
C GLN B 129 -4.20 -29.69 6.55
N PHE B 130 -3.37 -29.26 7.50
CA PHE B 130 -3.84 -28.86 8.83
C PHE B 130 -3.25 -27.48 9.19
N GLU B 131 -4.11 -26.46 9.23
CA GLU B 131 -3.73 -25.08 9.48
C GLU B 131 -4.91 -24.30 10.02
N ASP B 132 -4.64 -23.29 10.86
CA ASP B 132 -5.66 -22.41 11.42
C ASP B 132 -6.86 -23.15 12.03
N ASN B 133 -6.65 -24.28 12.70
CA ASN B 133 -7.78 -25.06 13.25
C ASN B 133 -8.72 -25.70 12.25
N TYR B 134 -8.29 -25.74 10.97
CA TYR B 134 -8.98 -26.51 9.96
C TYR B 134 -8.12 -27.71 9.66
N VAL B 135 -8.80 -28.85 9.48
CA VAL B 135 -8.22 -30.03 8.88
C VAL B 135 -8.93 -30.16 7.54
N ILE B 136 -8.15 -30.32 6.47
CA ILE B 136 -8.72 -30.37 5.16
C ILE B 136 -8.16 -31.61 4.49
N THR B 137 -9.07 -32.45 4.00
CA THR B 137 -8.63 -33.68 3.30
C THR B 137 -9.28 -33.80 1.94
N GLY B 138 -8.64 -34.58 1.06
CA GLY B 138 -9.10 -34.72 -0.32
C GLY B 138 -8.86 -36.13 -0.80
N ALA B 139 -9.70 -36.60 -1.72
CA ALA B 139 -9.63 -38.01 -2.13
C ALA B 139 -10.13 -38.29 -3.55
N ASP B 140 -9.93 -39.53 -3.98
CA ASP B 140 -10.33 -39.96 -5.30
C ASP B 140 -11.83 -39.68 -5.54
N ASP B 141 -12.62 -39.61 -4.47
CA ASP B 141 -14.07 -39.42 -4.57
C ASP B 141 -14.53 -38.02 -5.06
N LYS B 142 -13.58 -37.17 -5.41
CA LYS B 142 -13.80 -35.83 -6.04
C LYS B 142 -14.02 -34.72 -5.04
N MET B 143 -14.13 -35.12 -3.77
CA MET B 143 -14.56 -34.23 -2.69
C MET B 143 -13.43 -33.67 -1.92
N ILE B 144 -13.71 -32.55 -1.27
CA ILE B 144 -12.83 -31.98 -0.27
C ILE B 144 -13.63 -31.91 1.01
N ARG B 145 -13.02 -32.30 2.12
CA ARG B 145 -13.66 -32.24 3.44
C ARG B 145 -12.99 -31.28 4.45
N VAL B 146 -13.81 -30.49 5.11
CA VAL B 146 -13.33 -29.48 6.05
C VAL B 146 -13.80 -29.80 7.49
N TYR B 147 -12.82 -29.88 8.40
CA TYR B 147 -13.05 -30.28 9.77
C TYR B 147 -12.51 -29.17 10.69
N ASP B 148 -13.13 -29.02 11.88
CA ASP B 148 -12.72 -28.07 12.88
C ASP B 148 -11.83 -28.83 13.87
N SER B 149 -10.56 -28.43 14.01
CA SER B 149 -9.67 -29.16 14.91
C SER B 149 -9.88 -28.77 16.37
N ILE B 150 -10.58 -27.64 16.60
CA ILE B 150 -10.80 -27.21 17.96
C ILE B 150 -11.94 -27.99 18.61
N ASN B 151 -13.11 -28.03 17.92
CA ASN B 151 -14.26 -28.77 18.40
C ASN B 151 -14.32 -30.21 17.92
N LYS B 152 -13.31 -30.61 17.14
CA LYS B 152 -13.18 -31.95 16.61
C LYS B 152 -14.42 -32.42 15.87
N LYS B 153 -14.84 -31.61 14.90
CA LYS B 153 -16.06 -31.84 14.13
C LYS B 153 -15.90 -31.63 12.61
N PHE B 154 -16.67 -32.37 11.85
CA PHE B 154 -16.89 -32.07 10.43
C PHE B 154 -17.61 -30.74 10.29
N LEU B 155 -17.04 -29.81 9.52
CA LEU B 155 -17.70 -28.55 9.20
C LEU B 155 -18.56 -28.65 7.95
N LEU B 156 -17.97 -29.04 6.83
CA LEU B 156 -18.70 -29.01 5.57
C LEU B 156 -17.93 -29.73 4.48
N GLN B 157 -18.64 -30.16 3.42
CA GLN B 157 -18.00 -30.67 2.21
C GLN B 157 -18.01 -29.67 1.05
N LEU B 158 -16.84 -29.41 0.46
CA LEU B 158 -16.67 -28.67 -0.80
C LEU B 158 -16.60 -29.60 -2.02
N SER B 159 -17.64 -29.49 -2.87
CA SER B 159 -17.79 -30.26 -4.14
C SER B 159 -17.83 -29.39 -5.38
N GLY B 160 -17.51 -30.00 -6.51
CA GLY B 160 -17.36 -29.24 -7.72
C GLY B 160 -16.41 -29.94 -8.67
N HIS B 161 -15.24 -30.33 -8.16
CA HIS B 161 -14.23 -31.01 -8.96
C HIS B 161 -14.84 -32.16 -9.77
N ASP B 162 -14.50 -32.26 -11.05
CA ASP B 162 -15.05 -33.28 -11.92
C ASP B 162 -14.16 -34.56 -11.91
N GLY B 163 -13.33 -34.72 -10.87
CA GLY B 163 -12.43 -35.88 -10.76
C GLY B 163 -11.54 -35.83 -9.51
N GLY B 164 -10.93 -36.96 -9.14
CA GLY B 164 -10.09 -37.05 -7.95
C GLY B 164 -9.37 -35.75 -7.59
N VAL B 165 -9.27 -35.48 -6.29
CA VAL B 165 -8.50 -34.34 -5.80
C VAL B 165 -7.14 -34.86 -5.32
N TRP B 166 -6.05 -34.18 -5.69
CA TRP B 166 -4.74 -34.78 -5.46
C TRP B 166 -3.69 -33.85 -4.88
N ALA B 167 -4.02 -32.57 -4.77
CA ALA B 167 -3.17 -31.61 -4.10
C ALA B 167 -4.03 -30.51 -3.54
N LEU B 168 -3.70 -30.11 -2.31
CA LEU B 168 -4.35 -29.01 -1.61
C LEU B 168 -3.30 -28.05 -1.10
N LYS B 169 -3.61 -26.77 -1.12
CA LYS B 169 -2.88 -25.88 -0.27
C LYS B 169 -3.80 -24.89 0.38
N TYR B 170 -3.77 -24.85 1.71
CA TYR B 170 -4.43 -23.81 2.47
C TYR B 170 -3.69 -22.46 2.38
N ALA B 171 -4.45 -21.38 2.24
CA ALA B 171 -3.91 -20.01 2.30
C ALA B 171 -4.56 -19.28 3.46
N HIS B 172 -3.79 -18.42 4.12
CA HIS B 172 -4.27 -17.66 5.26
C HIS B 172 -5.54 -16.93 4.89
N GLY B 173 -6.59 -17.09 5.70
CA GLY B 173 -7.83 -16.33 5.56
C GLY B 173 -8.96 -17.28 5.26
N GLY B 174 -8.73 -18.57 5.55
CA GLY B 174 -9.66 -19.62 5.16
C GLY B 174 -9.83 -19.85 3.64
N ILE B 175 -8.80 -19.56 2.85
CA ILE B 175 -8.84 -19.88 1.44
C ILE B 175 -8.09 -21.19 1.18
N LEU B 176 -8.63 -22.06 0.31
CA LEU B 176 -7.81 -23.20 -0.10
C LEU B 176 -7.75 -23.37 -1.58
N VAL B 177 -6.65 -23.93 -2.06
CA VAL B 177 -6.43 -24.21 -3.48
C VAL B 177 -6.26 -25.70 -3.72
N SER B 178 -6.96 -26.19 -4.74
CA SER B 178 -6.90 -27.61 -5.10
C SER B 178 -6.49 -27.92 -6.53
N GLY B 179 -5.69 -28.96 -6.65
CA GLY B 179 -5.38 -29.59 -7.93
C GLY B 179 -6.15 -30.90 -8.10
N SER B 180 -6.38 -31.29 -9.36
CA SER B 180 -7.23 -32.44 -9.65
C SER B 180 -6.91 -33.19 -10.97
N THR B 181 -7.63 -34.31 -11.18
CA THR B 181 -7.61 -35.08 -12.44
C THR B 181 -8.41 -34.39 -13.55
N ASP B 182 -9.38 -33.54 -13.18
CA ASP B 182 -10.16 -32.79 -14.17
C ASP B 182 -9.25 -31.72 -14.78
N ARG B 183 -8.04 -31.60 -14.21
CA ARG B 183 -7.00 -30.69 -14.68
C ARG B 183 -7.34 -29.22 -14.37
N THR B 184 -8.34 -29.01 -13.51
CA THR B 184 -8.70 -27.66 -13.08
C THR B 184 -7.80 -27.26 -11.94
N VAL B 185 -7.74 -25.97 -11.67
CA VAL B 185 -7.12 -25.50 -10.48
C VAL B 185 -8.24 -24.70 -9.85
N ARG B 186 -8.79 -25.20 -8.75
CA ARG B 186 -9.89 -24.50 -8.09
C ARG B 186 -9.45 -23.73 -6.86
N VAL B 187 -10.09 -22.59 -6.65
CA VAL B 187 -9.85 -21.86 -5.42
C VAL B 187 -11.17 -21.85 -4.65
N TRP B 188 -11.14 -22.23 -3.37
CA TRP B 188 -12.36 -22.22 -2.51
C TRP B 188 -12.34 -21.21 -1.36
N ASP B 189 -13.51 -20.69 -0.97
CA ASP B 189 -13.60 -19.96 0.29
C ASP B 189 -14.37 -20.83 1.26
N ILE B 190 -13.70 -21.36 2.29
CA ILE B 190 -14.32 -22.25 3.28
C ILE B 190 -15.38 -21.53 4.09
N LYS B 191 -15.04 -20.37 4.66
CA LYS B 191 -16.00 -19.56 5.43
C LYS B 191 -17.28 -19.26 4.62
N LYS B 192 -17.22 -19.36 3.29
CA LYS B 192 -18.44 -19.20 2.48
C LYS B 192 -19.01 -20.55 2.03
N GLY B 193 -18.23 -21.61 2.24
CA GLY B 193 -18.58 -22.95 1.82
C GLY B 193 -18.84 -23.06 0.33
N CYS B 194 -17.86 -22.68 -0.51
CA CYS B 194 -18.01 -22.85 -1.99
C CYS B 194 -16.79 -22.49 -2.83
N CYS B 195 -16.82 -22.97 -4.06
CA CYS B 195 -15.78 -22.70 -5.04
C CYS B 195 -15.92 -21.28 -5.58
N THR B 196 -14.83 -20.50 -5.55
CA THR B 196 -14.84 -19.10 -6.03
C THR B 196 -14.21 -18.85 -7.43
N HIS B 197 -13.20 -19.62 -7.81
CA HIS B 197 -12.53 -19.44 -9.12
C HIS B 197 -12.12 -20.77 -9.73
N VAL B 198 -12.40 -20.96 -11.01
CA VAL B 198 -11.91 -22.17 -11.68
C VAL B 198 -10.91 -21.79 -12.79
N PHE B 199 -9.69 -22.32 -12.67
CA PHE B 199 -8.60 -21.98 -13.57
C PHE B 199 -8.29 -23.16 -14.49
N GLU B 200 -8.89 -23.20 -15.67
CA GLU B 200 -8.49 -24.23 -16.63
C GLU B 200 -7.19 -23.88 -17.38
N GLY B 201 -6.60 -24.86 -18.07
CA GLY B 201 -5.30 -24.65 -18.73
C GLY B 201 -4.30 -25.58 -18.07
N HIS B 202 -4.14 -26.75 -18.69
CA HIS B 202 -3.45 -27.90 -18.09
C HIS B 202 -3.92 -29.15 -18.82
N ASN B 203 -2.99 -29.76 -19.56
CA ASN B 203 -3.28 -30.86 -20.47
C ASN B 203 -3.06 -32.25 -19.81
N SER B 204 -3.04 -32.26 -18.47
CA SER B 204 -3.30 -33.45 -17.65
C SER B 204 -3.47 -33.10 -16.16
N THR B 205 -3.63 -34.14 -15.33
CA THR B 205 -3.78 -34.00 -13.89
C THR B 205 -2.79 -33.01 -13.27
N VAL B 206 -3.26 -32.25 -12.28
CA VAL B 206 -2.42 -31.38 -11.45
C VAL B 206 -1.85 -32.18 -10.23
N ARG B 207 -0.63 -32.73 -10.29
CA ARG B 207 -0.14 -33.64 -9.22
C ARG B 207 0.42 -32.92 -7.98
N CYS B 208 0.74 -31.62 -8.09
CA CYS B 208 1.44 -30.89 -7.02
C CYS B 208 1.22 -29.42 -7.16
N LEU B 209 1.56 -28.72 -6.09
CA LEU B 209 1.11 -27.36 -5.96
C LEU B 209 1.73 -26.67 -4.75
N ASP B 210 1.91 -25.35 -4.90
CA ASP B 210 2.35 -24.49 -3.79
C ASP B 210 1.87 -23.04 -3.97
N ILE B 211 1.95 -22.28 -2.88
CA ILE B 211 1.62 -20.88 -2.81
C ILE B 211 2.86 -20.17 -2.25
N VAL B 212 3.25 -19.06 -2.85
CA VAL B 212 4.37 -18.29 -2.35
C VAL B 212 3.96 -16.84 -2.29
N GLU B 213 4.73 -16.02 -1.60
CA GLU B 213 4.42 -14.59 -1.48
C GLU B 213 5.67 -13.77 -1.74
N TYR B 214 5.50 -12.53 -2.19
CA TYR B 214 6.65 -11.80 -2.66
C TYR B 214 6.20 -10.44 -3.12
N LYS B 215 6.87 -9.42 -2.59
CA LYS B 215 6.42 -8.03 -2.72
C LYS B 215 4.90 -7.93 -2.54
N ASN B 216 4.50 -8.16 -1.29
CA ASN B 216 3.14 -8.48 -0.81
C ASN B 216 1.96 -8.87 -1.78
N ILE B 217 2.27 -9.50 -2.92
CA ILE B 217 1.24 -10.25 -3.64
C ILE B 217 1.49 -11.79 -3.55
N LYS B 218 0.41 -12.57 -3.50
CA LYS B 218 0.46 -14.04 -3.42
C LYS B 218 0.20 -14.73 -4.79
N TYR B 219 0.97 -15.79 -5.04
CA TYR B 219 0.87 -16.55 -6.29
C TYR B 219 0.73 -18.06 -6.05
N ILE B 220 0.20 -18.75 -7.04
CA ILE B 220 -0.03 -20.19 -6.97
C ILE B 220 0.82 -20.85 -8.02
N VAL B 221 1.63 -21.81 -7.64
CA VAL B 221 2.39 -22.52 -8.64
C VAL B 221 1.83 -23.91 -8.76
N THR B 222 1.49 -24.27 -9.97
CA THR B 222 0.74 -25.48 -10.22
C THR B 222 1.45 -26.46 -11.15
N GLY B 223 1.71 -27.66 -10.64
CA GLY B 223 2.52 -28.66 -11.35
C GLY B 223 1.80 -29.91 -11.83
N SER B 224 2.22 -30.42 -13.00
CA SER B 224 1.37 -31.30 -13.82
C SER B 224 2.08 -32.51 -14.39
N ARG B 225 1.32 -33.62 -14.54
CA ARG B 225 1.74 -34.78 -15.36
C ARG B 225 2.00 -34.35 -16.83
N ASP B 226 1.96 -33.05 -17.07
CA ASP B 226 2.15 -32.47 -18.42
C ASP B 226 3.50 -31.76 -18.65
N ASN B 227 4.44 -31.89 -17.69
CA ASN B 227 5.87 -31.52 -17.85
C ASN B 227 6.21 -30.05 -17.55
N THR B 228 5.17 -29.24 -17.44
CA THR B 228 5.33 -27.81 -17.29
C THR B 228 4.68 -27.43 -15.98
N LEU B 229 4.92 -26.22 -15.51
CA LEU B 229 4.14 -25.66 -14.38
C LEU B 229 3.40 -24.45 -14.85
N HIS B 230 2.33 -24.12 -14.13
CA HIS B 230 1.53 -22.96 -14.46
C HIS B 230 1.60 -22.01 -13.29
N VAL B 231 1.70 -20.72 -13.55
CA VAL B 231 1.79 -19.75 -12.48
C VAL B 231 0.54 -18.89 -12.53
N TRP B 232 -0.19 -18.87 -11.43
CA TRP B 232 -1.37 -18.05 -11.31
C TRP B 232 -1.22 -17.13 -10.13
N LYS B 233 -2.09 -16.12 -10.02
CA LYS B 233 -2.13 -15.29 -8.82
C LYS B 233 -3.39 -15.65 -8.04
N LEU B 234 -3.25 -15.91 -6.73
CA LEU B 234 -4.37 -16.15 -5.84
C LEU B 234 -5.21 -14.89 -5.75
N PRO B 235 -6.53 -15.00 -6.02
CA PRO B 235 -7.38 -13.79 -5.96
C PRO B 235 -7.51 -13.12 -4.56
N LYS B 236 -7.01 -11.89 -4.48
CA LYS B 236 -7.35 -10.86 -3.46
C LYS B 236 -7.92 -11.37 -2.12
N ASP B 248 -23.60 -16.86 -9.39
CA ASP B 248 -22.57 -15.82 -9.43
C ASP B 248 -21.20 -16.39 -9.08
N TYR B 249 -21.13 -17.20 -8.02
CA TYR B 249 -19.84 -17.57 -7.43
C TYR B 249 -18.99 -18.72 -8.03
N PRO B 250 -19.59 -19.74 -8.66
CA PRO B 250 -18.55 -20.49 -9.42
C PRO B 250 -18.07 -19.71 -10.71
N LEU B 251 -17.07 -18.84 -10.50
CA LEU B 251 -16.52 -17.87 -11.46
C LEU B 251 -15.37 -18.47 -12.29
N VAL B 252 -15.71 -19.01 -13.46
CA VAL B 252 -14.86 -19.94 -14.23
C VAL B 252 -14.03 -19.28 -15.34
N PHE B 253 -12.81 -19.77 -15.55
CA PHE B 253 -11.96 -19.29 -16.65
C PHE B 253 -11.50 -20.47 -17.48
N HIS B 254 -12.15 -20.69 -18.63
CA HIS B 254 -11.74 -21.75 -19.54
C HIS B 254 -10.47 -21.33 -20.26
N THR B 255 -10.25 -20.02 -20.31
CA THR B 255 -9.30 -19.45 -21.25
C THR B 255 -8.15 -18.79 -20.50
N PRO B 256 -6.94 -19.41 -20.55
CA PRO B 256 -5.77 -18.97 -19.77
C PRO B 256 -5.21 -17.62 -20.20
N GLU B 257 -5.19 -17.34 -21.49
CA GLU B 257 -4.74 -16.06 -21.99
C GLU B 257 -5.73 -14.94 -21.69
N GLU B 258 -6.97 -15.35 -21.35
CA GLU B 258 -8.09 -14.43 -21.11
C GLU B 258 -8.57 -14.47 -19.65
N ASN B 259 -7.78 -15.17 -18.84
CA ASN B 259 -7.95 -15.22 -17.41
C ASN B 259 -7.03 -14.17 -16.80
N PRO B 260 -7.60 -13.21 -16.06
CA PRO B 260 -6.75 -12.20 -15.45
C PRO B 260 -5.66 -12.81 -14.55
N TYR B 261 -5.99 -13.83 -13.76
CA TYR B 261 -5.09 -14.36 -12.73
C TYR B 261 -3.96 -15.26 -13.20
N PHE B 262 -3.90 -15.54 -14.50
CA PHE B 262 -2.88 -16.44 -15.01
C PHE B 262 -1.67 -15.61 -15.36
N VAL B 263 -0.53 -15.95 -14.77
CA VAL B 263 0.72 -15.21 -15.07
C VAL B 263 1.42 -15.81 -16.29
N GLY B 264 2.00 -17.00 -16.16
CA GLY B 264 2.53 -17.73 -17.32
C GLY B 264 2.65 -19.24 -17.19
N VAL B 265 3.35 -19.84 -18.16
CA VAL B 265 3.70 -21.25 -18.14
C VAL B 265 5.21 -21.37 -18.01
N LEU B 266 5.68 -22.31 -17.22
CA LEU B 266 7.14 -22.51 -17.08
C LEU B 266 7.63 -23.89 -17.60
N ARG B 267 8.03 -23.88 -18.87
CA ARG B 267 8.36 -25.10 -19.64
C ARG B 267 9.86 -25.46 -19.56
N GLY B 268 10.15 -26.73 -19.38
CA GLY B 268 11.50 -27.18 -19.05
C GLY B 268 11.52 -28.68 -18.96
N HIS B 269 11.13 -29.23 -17.81
CA HIS B 269 11.11 -30.69 -17.57
C HIS B 269 10.52 -31.47 -18.74
N MET B 270 11.19 -32.53 -19.15
CA MET B 270 10.62 -33.32 -20.24
C MET B 270 9.63 -34.37 -19.69
N ALA B 271 9.40 -34.41 -18.38
CA ALA B 271 8.38 -35.33 -17.84
C ALA B 271 7.49 -34.73 -16.73
N SER B 272 6.59 -35.54 -16.19
CA SER B 272 5.69 -35.11 -15.14
C SER B 272 6.43 -34.40 -14.00
N VAL B 273 5.81 -33.34 -13.47
CA VAL B 273 6.33 -32.61 -12.34
C VAL B 273 5.67 -33.20 -11.11
N ARG B 274 6.48 -33.90 -10.30
CA ARG B 274 5.96 -34.75 -9.22
C ARG B 274 5.86 -33.98 -7.92
N THR B 275 6.62 -32.88 -7.84
CA THR B 275 6.91 -32.17 -6.55
C THR B 275 7.44 -30.74 -6.79
N VAL B 276 7.05 -29.83 -5.90
CA VAL B 276 7.33 -28.38 -5.99
C VAL B 276 7.40 -27.78 -4.57
N SER B 277 8.31 -26.84 -4.40
CA SER B 277 8.55 -26.17 -3.15
C SER B 277 9.11 -24.78 -3.45
N GLY B 278 8.53 -23.73 -2.89
CA GLY B 278 9.14 -22.40 -3.01
C GLY B 278 8.76 -21.43 -1.91
N HIS B 279 9.55 -20.37 -1.71
CA HIS B 279 9.00 -19.12 -1.17
C HIS B 279 9.60 -17.85 -1.77
N GLY B 280 8.93 -16.74 -1.50
CA GLY B 280 9.30 -15.51 -2.18
C GLY B 280 9.13 -15.75 -3.67
N ASN B 281 10.18 -15.41 -4.43
CA ASN B 281 10.17 -15.49 -5.91
C ASN B 281 10.87 -16.73 -6.46
N ILE B 282 11.41 -17.54 -5.56
CA ILE B 282 12.08 -18.78 -5.94
C ILE B 282 11.19 -20.00 -5.71
N VAL B 283 11.02 -20.76 -6.80
CA VAL B 283 10.28 -22.03 -6.77
C VAL B 283 11.21 -23.04 -7.38
N VAL B 284 11.16 -24.27 -6.87
CA VAL B 284 12.01 -25.35 -7.34
C VAL B 284 11.11 -26.53 -7.64
N SER B 285 11.27 -27.13 -8.83
CA SER B 285 10.51 -28.34 -9.16
C SER B 285 11.35 -29.57 -9.45
N GLY B 286 10.85 -30.75 -9.08
CA GLY B 286 11.52 -32.02 -9.36
C GLY B 286 10.68 -33.04 -10.13
N SER B 287 11.27 -33.63 -11.15
CA SER B 287 10.50 -34.32 -12.18
C SER B 287 10.78 -35.83 -12.34
N TYR B 288 9.80 -36.57 -12.89
CA TYR B 288 10.04 -37.97 -13.27
C TYR B 288 11.22 -38.14 -14.23
N ASP B 289 11.68 -37.04 -14.87
CA ASP B 289 12.86 -36.99 -15.79
C ASP B 289 14.25 -36.99 -15.08
N ASN B 290 14.24 -37.24 -13.76
CA ASN B 290 15.45 -37.34 -12.93
C ASN B 290 16.13 -35.99 -12.62
N THR B 291 15.65 -34.87 -13.18
CA THR B 291 16.18 -33.54 -12.80
C THR B 291 15.17 -32.66 -12.05
N LEU B 292 15.67 -31.46 -11.72
CA LEU B 292 14.91 -30.40 -11.06
C LEU B 292 15.35 -29.10 -11.70
N ILE B 293 14.44 -28.13 -11.78
CA ILE B 293 14.75 -26.75 -12.23
C ILE B 293 14.41 -25.76 -11.11
N VAL B 294 15.23 -24.73 -10.97
CA VAL B 294 15.02 -23.64 -10.03
C VAL B 294 14.53 -22.45 -10.84
N TRP B 295 13.35 -21.94 -10.45
CA TRP B 295 12.66 -20.92 -11.21
C TRP B 295 12.60 -19.58 -10.46
N ASP B 296 12.51 -18.48 -11.20
CA ASP B 296 12.23 -17.15 -10.63
C ASP B 296 10.93 -16.59 -11.20
N VAL B 297 9.86 -16.82 -10.46
CA VAL B 297 8.48 -16.55 -10.86
C VAL B 297 8.18 -15.05 -11.08
N ALA B 298 9.05 -14.19 -10.58
CA ALA B 298 9.00 -12.76 -10.91
C ALA B 298 9.26 -12.57 -12.40
N GLN B 299 10.34 -13.18 -12.87
CA GLN B 299 10.78 -13.03 -14.26
C GLN B 299 10.40 -14.24 -15.11
N MET B 300 9.60 -15.14 -14.52
CA MET B 300 9.20 -16.36 -15.21
C MET B 300 10.39 -16.99 -15.94
N LYS B 301 11.50 -17.19 -15.22
CA LYS B 301 12.80 -17.50 -15.82
C LYS B 301 13.44 -18.71 -15.17
N CYS B 302 13.91 -19.65 -15.99
CA CYS B 302 14.68 -20.79 -15.47
C CYS B 302 16.08 -20.39 -15.02
N LEU B 303 16.44 -20.87 -13.85
CA LEU B 303 17.68 -20.50 -13.18
C LEU B 303 18.79 -21.55 -13.14
N TYR B 304 18.50 -22.78 -12.71
CA TYR B 304 19.51 -23.87 -12.73
C TYR B 304 18.93 -25.24 -13.08
N ILE B 305 19.75 -26.06 -13.74
CA ILE B 305 19.37 -27.45 -13.98
C ILE B 305 20.11 -28.45 -13.07
N LEU B 306 19.43 -28.85 -12.01
CA LEU B 306 20.00 -29.80 -11.08
C LEU B 306 19.92 -31.18 -11.69
N SER B 307 21.05 -31.60 -12.23
CA SER B 307 21.12 -32.87 -12.90
C SER B 307 22.20 -33.74 -12.35
N GLY B 308 21.85 -34.97 -12.05
CA GLY B 308 22.83 -35.92 -11.54
C GLY B 308 22.19 -37.21 -11.07
N HIS B 309 20.95 -37.13 -10.61
CA HIS B 309 20.17 -38.34 -10.27
C HIS B 309 20.01 -39.31 -11.50
N THR B 310 19.67 -40.57 -11.21
CA THR B 310 19.55 -41.65 -12.22
C THR B 310 18.18 -42.36 -12.08
N ASP B 311 17.18 -41.60 -11.67
CA ASP B 311 15.82 -42.07 -11.53
C ASP B 311 14.96 -40.95 -11.01
N ARG B 312 13.67 -41.25 -10.96
CA ARG B 312 12.62 -40.29 -10.71
C ARG B 312 12.93 -39.44 -9.50
N ILE B 313 12.55 -38.17 -9.59
CA ILE B 313 12.55 -37.28 -8.44
C ILE B 313 11.16 -37.26 -7.79
N TYR B 314 11.10 -37.64 -6.53
CA TYR B 314 9.84 -37.78 -5.87
C TYR B 314 9.47 -36.60 -4.91
N SER B 315 10.43 -35.70 -4.67
CA SER B 315 10.31 -34.72 -3.59
C SER B 315 11.43 -33.70 -3.69
N THR B 316 11.21 -32.51 -3.15
CA THR B 316 12.25 -31.51 -3.13
C THR B 316 11.90 -30.46 -2.11
N ILE B 317 12.89 -29.91 -1.42
CA ILE B 317 12.57 -28.78 -0.56
C ILE B 317 13.52 -27.65 -0.82
N TYR B 318 12.93 -26.47 -1.00
CA TYR B 318 13.70 -25.29 -1.18
C TYR B 318 13.96 -24.83 0.25
N ASP B 319 15.23 -24.85 0.64
CA ASP B 319 15.63 -24.38 1.95
C ASP B 319 16.03 -22.93 1.78
N HIS B 320 15.04 -22.04 1.97
CA HIS B 320 15.27 -20.60 1.74
C HIS B 320 16.27 -20.02 2.75
N GLU B 321 16.01 -20.28 4.03
CA GLU B 321 16.94 -19.98 5.14
C GLU B 321 18.44 -20.14 4.84
N ARG B 322 18.81 -21.24 4.17
CA ARG B 322 20.22 -21.49 3.83
C ARG B 322 20.52 -21.44 2.33
N LYS B 323 19.52 -21.01 1.53
CA LYS B 323 19.63 -20.91 0.07
C LYS B 323 20.17 -22.20 -0.47
N ARG B 324 19.41 -23.26 -0.21
CA ARG B 324 19.76 -24.59 -0.65
C ARG B 324 18.53 -25.37 -1.09
N CYS B 325 18.80 -26.48 -1.76
CA CYS B 325 17.78 -27.32 -2.26
C CYS B 325 18.13 -28.75 -1.91
N ILE B 326 17.10 -29.51 -1.61
CA ILE B 326 17.24 -30.91 -1.26
C ILE B 326 16.38 -31.73 -2.21
N SER B 327 16.93 -32.85 -2.68
CA SER B 327 16.22 -33.67 -3.67
C SER B 327 16.30 -35.14 -3.28
N ALA B 328 15.17 -35.82 -3.45
CA ALA B 328 15.00 -37.21 -3.03
C ALA B 328 14.61 -38.00 -4.21
N SER B 329 15.40 -39.02 -4.53
CA SER B 329 15.17 -39.79 -5.74
C SER B 329 14.66 -41.25 -5.58
N MET B 330 14.11 -41.75 -6.68
CA MET B 330 13.93 -43.17 -6.84
C MET B 330 15.29 -43.82 -7.16
N ASP B 331 16.30 -43.01 -7.54
CA ASP B 331 17.68 -43.53 -7.70
C ASP B 331 18.25 -43.93 -6.34
N THR B 332 17.63 -43.41 -5.27
CA THR B 332 17.82 -43.92 -3.89
C THR B 332 18.66 -42.98 -2.99
N THR B 333 19.31 -42.01 -3.60
CA THR B 333 20.14 -41.08 -2.85
C THR B 333 19.32 -39.89 -2.37
N ILE B 334 19.98 -38.96 -1.68
CA ILE B 334 19.50 -37.59 -1.46
C ILE B 334 20.62 -36.65 -1.94
N ARG B 335 20.26 -35.49 -2.52
CA ARG B 335 21.26 -34.51 -2.97
C ARG B 335 20.97 -33.08 -2.53
N ILE B 336 22.00 -32.47 -1.95
CA ILE B 336 21.95 -31.11 -1.47
C ILE B 336 22.67 -30.24 -2.47
N TRP B 337 22.02 -29.17 -2.90
CA TRP B 337 22.64 -28.21 -3.83
C TRP B 337 22.60 -26.77 -3.27
N ASP B 338 23.69 -26.06 -3.55
CA ASP B 338 23.87 -24.65 -3.25
C ASP B 338 23.06 -23.82 -4.24
N LEU B 339 22.02 -23.13 -3.77
CA LEU B 339 21.25 -22.29 -4.70
C LEU B 339 21.87 -20.92 -4.98
N GLU B 340 23.05 -20.65 -4.40
CA GLU B 340 23.78 -19.49 -4.79
C GLU B 340 24.93 -19.99 -5.65
N ASN B 341 24.72 -20.06 -6.97
CA ASN B 341 25.64 -20.73 -7.94
C ASN B 341 25.26 -22.13 -8.54
N GLY B 342 24.35 -22.86 -7.90
CA GLY B 342 23.78 -24.11 -8.48
C GLY B 342 24.63 -25.36 -8.72
N GLU B 343 25.52 -25.69 -7.78
CA GLU B 343 26.20 -26.98 -7.83
C GLU B 343 25.91 -27.89 -6.63
N LEU B 344 26.24 -29.16 -6.79
CA LEU B 344 26.18 -30.20 -5.75
C LEU B 344 27.16 -29.93 -4.61
N MET B 345 26.65 -30.01 -3.38
CA MET B 345 27.45 -29.94 -2.16
C MET B 345 27.61 -31.35 -1.64
N TYR B 346 26.48 -32.00 -1.30
CA TYR B 346 26.51 -33.39 -0.80
C TYR B 346 25.53 -34.37 -1.44
N THR B 347 25.98 -35.62 -1.56
CA THR B 347 25.07 -36.77 -1.77
C THR B 347 24.94 -37.61 -0.50
N LEU B 348 23.74 -37.79 -0.04
CA LEU B 348 23.55 -38.53 1.19
C LEU B 348 23.36 -40.02 0.91
N GLN B 349 24.01 -40.86 1.72
CA GLN B 349 23.57 -42.28 1.82
C GLN B 349 22.97 -42.70 3.20
N GLY B 350 21.84 -43.40 3.08
CA GLY B 350 21.00 -43.80 4.19
C GLY B 350 19.77 -44.54 3.70
N HIS B 351 19.44 -44.47 2.41
CA HIS B 351 18.31 -45.27 1.88
C HIS B 351 18.66 -46.27 0.72
N THR B 352 18.42 -47.54 1.00
CA THR B 352 18.60 -48.59 0.03
C THR B 352 17.24 -48.81 -0.60
N ALA B 353 16.49 -47.72 -0.70
CA ALA B 353 15.22 -47.70 -1.35
C ALA B 353 14.80 -46.25 -1.57
N LEU B 354 13.96 -46.05 -2.59
CA LEU B 354 13.46 -44.73 -2.98
C LEU B 354 12.99 -43.84 -1.86
N VAL B 355 13.74 -42.78 -1.63
CA VAL B 355 13.25 -41.82 -0.71
C VAL B 355 12.03 -41.08 -1.31
N GLY B 356 10.82 -41.35 -0.71
CA GLY B 356 9.50 -40.76 -1.06
C GLY B 356 9.03 -39.45 -0.40
N LEU B 357 9.00 -39.37 0.92
CA LEU B 357 8.63 -38.09 1.57
C LEU B 357 9.87 -37.33 2.01
N LEU B 358 9.83 -35.98 1.92
CA LEU B 358 10.87 -35.11 2.51
C LEU B 358 10.32 -34.00 3.44
N ARG B 359 10.94 -33.83 4.60
CA ARG B 359 10.63 -32.72 5.49
C ARG B 359 11.92 -32.09 6.06
N LEU B 360 11.84 -30.78 6.32
CA LEU B 360 12.93 -30.01 6.91
C LEU B 360 12.36 -29.28 8.09
N SER B 361 12.74 -29.68 9.28
CA SER B 361 12.55 -28.84 10.43
C SER B 361 13.85 -28.06 10.71
N ASP B 362 13.74 -27.20 11.70
CA ASP B 362 14.85 -26.41 12.18
C ASP B 362 16.14 -27.15 12.36
N LYS B 363 16.08 -28.38 12.83
CA LYS B 363 17.33 -29.13 13.11
C LYS B 363 17.51 -30.32 12.25
N PHE B 364 16.45 -30.83 11.62
CA PHE B 364 16.56 -32.09 10.89
C PHE B 364 16.03 -32.01 9.46
N LEU B 365 16.77 -32.67 8.58
CA LEU B 365 16.32 -33.14 7.32
C LEU B 365 15.89 -34.57 7.57
N VAL B 366 14.58 -34.81 7.48
CA VAL B 366 14.07 -36.13 7.61
C VAL B 366 13.59 -36.67 6.26
N SER B 367 13.99 -37.87 5.93
CA SER B 367 13.59 -38.52 4.72
C SER B 367 13.04 -39.86 5.08
N ALA B 368 12.28 -40.43 4.19
CA ALA B 368 11.63 -41.66 4.48
C ALA B 368 11.58 -42.47 3.24
N ALA B 369 12.14 -43.67 3.29
CA ALA B 369 12.21 -44.54 2.14
C ALA B 369 11.11 -45.61 2.21
N ALA B 370 10.81 -46.28 1.10
CA ALA B 370 9.84 -47.41 1.07
C ALA B 370 10.34 -48.80 1.57
N ASP B 371 11.61 -48.93 2.02
CA ASP B 371 12.06 -50.10 2.80
C ASP B 371 11.59 -50.00 4.29
N GLY B 372 10.85 -48.95 4.62
CA GLY B 372 10.32 -48.74 5.98
C GLY B 372 11.15 -47.83 6.86
N SER B 373 12.21 -47.29 6.27
CA SER B 373 13.20 -46.53 6.97
C SER B 373 12.80 -45.07 7.04
N ILE B 374 13.17 -44.43 8.14
CA ILE B 374 13.00 -43.01 8.24
C ILE B 374 14.34 -42.59 8.78
N ARG B 375 14.94 -41.62 8.11
CA ARG B 375 16.22 -41.18 8.57
C ARG B 375 16.30 -39.69 8.74
N GLY B 376 17.13 -39.28 9.70
CA GLY B 376 17.29 -37.88 10.02
C GLY B 376 18.72 -37.42 9.98
N TRP B 377 18.92 -36.25 9.38
CA TRP B 377 20.25 -35.69 9.21
C TRP B 377 20.21 -34.29 9.71
N ASP B 378 21.37 -33.83 10.18
CA ASP B 378 21.51 -32.47 10.59
C ASP B 378 21.20 -31.55 9.45
N ALA B 379 20.39 -30.51 9.73
CA ALA B 379 19.81 -29.62 8.73
C ALA B 379 20.81 -28.67 8.13
N ASN B 380 21.99 -28.63 8.77
CA ASN B 380 23.06 -27.72 8.46
C ASN B 380 24.23 -28.40 7.75
N ASP B 381 24.87 -29.39 8.43
CA ASP B 381 25.97 -30.21 7.85
C ASP B 381 25.54 -31.61 7.35
N TYR B 382 24.34 -32.10 7.71
CA TYR B 382 23.77 -33.37 7.18
C TYR B 382 24.40 -34.64 7.73
N SER B 383 25.01 -34.52 8.89
CA SER B 383 25.56 -35.67 9.56
C SER B 383 24.38 -36.47 10.15
N ARG B 384 24.51 -37.80 10.14
CA ARG B 384 23.53 -38.73 10.69
C ARG B 384 23.06 -38.40 12.13
N LYS B 385 21.76 -38.15 12.30
CA LYS B 385 21.18 -37.88 13.63
C LYS B 385 20.23 -38.96 14.13
N PHE B 386 19.62 -39.76 13.24
CA PHE B 386 18.69 -40.82 13.66
C PHE B 386 18.19 -41.66 12.53
N SER B 387 17.88 -42.93 12.78
CA SER B 387 17.11 -43.74 11.87
C SER B 387 16.09 -44.65 12.54
N TYR B 388 14.92 -44.80 11.93
CA TYR B 388 13.87 -45.61 12.52
C TYR B 388 13.32 -46.56 11.48
N HIS B 389 13.07 -47.79 11.89
CA HIS B 389 12.44 -48.73 11.04
C HIS B 389 11.09 -49.16 11.58
N HIS B 390 10.05 -49.00 10.78
CA HIS B 390 8.84 -49.76 11.11
C HIS B 390 9.17 -51.25 11.08
N THR B 391 8.92 -51.86 12.23
CA THR B 391 9.14 -53.29 12.52
C THR B 391 8.67 -54.27 11.39
N ASN B 392 7.58 -53.92 10.70
CA ASN B 392 7.16 -54.78 9.60
C ASN B 392 7.78 -54.43 8.22
N LEU B 393 8.68 -53.47 8.24
CA LEU B 393 9.43 -53.18 7.05
C LEU B 393 8.54 -52.87 5.84
N SER B 394 7.35 -52.33 6.08
CA SER B 394 6.46 -51.93 4.98
C SER B 394 6.69 -50.43 4.62
N ALA B 395 6.24 -50.01 3.44
CA ALA B 395 6.47 -48.64 3.00
C ALA B 395 5.88 -47.51 3.88
N ILE B 396 6.75 -46.56 4.21
CA ILE B 396 6.38 -45.43 5.01
C ILE B 396 5.49 -44.58 4.13
N THR B 397 4.25 -44.47 4.57
CA THR B 397 3.24 -43.90 3.74
C THR B 397 3.13 -42.45 4.06
N THR B 398 3.54 -42.05 5.25
CA THR B 398 3.44 -40.66 5.64
C THR B 398 4.24 -40.45 6.90
N PHE B 399 4.75 -39.25 7.11
CA PHE B 399 5.30 -38.95 8.39
C PHE B 399 5.24 -37.48 8.61
N TYR B 400 5.35 -37.07 9.86
CA TYR B 400 5.40 -35.68 10.12
C TYR B 400 6.46 -35.49 11.26
N VAL B 401 7.22 -34.37 11.23
CA VAL B 401 8.22 -34.07 12.23
C VAL B 401 8.35 -32.65 12.71
N SER B 402 8.84 -32.51 13.92
CA SER B 402 9.32 -31.23 14.42
C SER B 402 10.70 -31.56 15.03
N ASP B 403 11.39 -30.60 15.61
CA ASP B 403 12.62 -30.91 16.32
C ASP B 403 12.43 -31.89 17.48
N ASN B 404 11.18 -32.03 17.96
CA ASN B 404 10.94 -32.78 19.19
C ASN B 404 10.25 -34.12 18.96
N ILE B 405 9.47 -34.24 17.87
CA ILE B 405 8.64 -35.44 17.67
C ILE B 405 8.65 -35.95 16.23
N LEU B 406 8.56 -37.26 16.10
CA LEU B 406 8.44 -37.89 14.79
C LEU B 406 7.22 -38.77 14.83
N VAL B 407 6.34 -38.60 13.85
CA VAL B 407 5.15 -39.40 13.79
C VAL B 407 5.16 -39.98 12.43
N SER B 408 5.12 -41.29 12.36
CA SER B 408 5.23 -41.90 11.05
C SER B 408 4.23 -42.96 10.95
N GLY B 409 3.76 -43.16 9.75
CA GLY B 409 2.75 -44.18 9.56
C GLY B 409 3.05 -45.06 8.39
N SER B 410 2.65 -46.32 8.54
CA SER B 410 2.72 -47.31 7.49
C SER B 410 1.58 -48.33 7.70
N GLU B 411 1.40 -49.27 6.79
CA GLU B 411 0.35 -50.27 6.91
C GLU B 411 0.42 -50.92 8.27
N ASN B 412 -0.67 -50.83 9.02
CA ASN B 412 -0.80 -51.41 10.37
C ASN B 412 0.03 -50.75 11.46
N GLN B 413 0.76 -49.70 11.13
CA GLN B 413 1.65 -49.16 12.13
C GLN B 413 1.58 -47.63 12.24
N PHE B 414 1.42 -47.16 13.47
CA PHE B 414 1.39 -45.75 13.73
C PHE B 414 2.22 -45.51 14.94
N ASN B 415 3.30 -44.75 14.76
CA ASN B 415 4.32 -44.53 15.73
C ASN B 415 4.65 -43.09 16.05
N ILE B 416 4.86 -42.84 17.34
CA ILE B 416 5.29 -41.51 17.80
C ILE B 416 6.67 -41.67 18.41
N TYR B 417 7.61 -40.91 17.90
CA TYR B 417 8.93 -41.01 18.46
C TYR B 417 9.38 -39.71 19.11
N ASN B 418 10.03 -39.88 20.26
CA ASN B 418 10.64 -38.81 21.00
C ASN B 418 12.00 -38.67 20.40
N LEU B 419 12.24 -37.53 19.77
CA LEU B 419 13.54 -37.29 19.11
C LEU B 419 14.70 -36.99 20.03
N ARG B 420 14.51 -36.34 21.18
CA ARG B 420 15.60 -36.27 22.20
C ARG B 420 16.12 -37.63 22.72
N SER B 421 15.24 -38.51 23.18
CA SER B 421 15.65 -39.83 23.63
C SER B 421 15.78 -40.89 22.51
N GLY B 422 15.17 -40.69 21.35
CA GLY B 422 15.12 -41.77 20.32
C GLY B 422 14.34 -43.02 20.73
N LYS B 423 13.28 -42.86 21.51
CA LYS B 423 12.60 -44.03 22.01
C LYS B 423 11.22 -43.91 21.52
N LEU B 424 10.58 -45.05 21.38
CA LEU B 424 9.25 -45.10 20.86
C LEU B 424 8.42 -44.68 22.04
N VAL B 425 7.53 -43.72 21.84
CA VAL B 425 6.71 -43.28 22.93
C VAL B 425 5.42 -44.05 22.92
N HIS B 426 4.68 -44.05 21.82
CA HIS B 426 3.57 -44.96 21.73
C HIS B 426 3.60 -45.68 20.38
N ALA B 427 3.12 -46.92 20.41
CA ALA B 427 3.05 -47.75 19.20
C ALA B 427 1.63 -48.15 18.71
N ASN B 428 0.60 -47.96 19.58
CA ASN B 428 -0.74 -48.51 19.40
C ASN B 428 -1.89 -47.50 19.55
N ILE B 429 -1.60 -46.23 19.74
CA ILE B 429 -2.71 -45.30 19.85
C ILE B 429 -3.69 -45.46 18.67
N LEU B 430 -3.17 -45.66 17.45
CA LEU B 430 -4.02 -46.00 16.33
C LEU B 430 -3.91 -47.46 15.86
N LYS B 431 -3.51 -48.33 16.77
CA LYS B 431 -3.64 -49.78 16.58
C LYS B 431 -4.68 -50.31 15.58
N ASP B 432 -5.89 -49.75 15.50
CA ASP B 432 -6.94 -50.36 14.68
C ASP B 432 -6.96 -49.88 13.21
N ALA B 433 -6.07 -48.97 12.85
CA ALA B 433 -6.00 -48.54 11.46
C ALA B 433 -5.30 -49.62 10.64
N ASP B 434 -5.73 -49.81 9.39
CA ASP B 434 -4.94 -50.63 8.44
C ASP B 434 -3.99 -49.86 7.59
N GLN B 435 -4.25 -48.56 7.40
CA GLN B 435 -3.39 -47.68 6.61
C GLN B 435 -3.43 -46.28 7.22
N ILE B 436 -2.27 -45.59 7.25
CA ILE B 436 -2.15 -44.19 7.58
C ILE B 436 -1.80 -43.46 6.30
N TRP B 437 -2.75 -42.74 5.72
CA TRP B 437 -2.53 -42.11 4.42
C TRP B 437 -1.79 -40.85 4.58
N SER B 438 -1.95 -40.26 5.76
CA SER B 438 -1.46 -38.91 5.92
C SER B 438 -1.49 -38.44 7.36
N VAL B 439 -0.38 -37.84 7.83
CA VAL B 439 -0.27 -37.45 9.22
C VAL B 439 0.31 -36.03 9.34
N ASN B 440 -0.17 -35.28 10.31
CA ASN B 440 0.26 -33.91 10.52
C ASN B 440 -0.08 -33.48 11.96
N PHE B 441 0.85 -32.75 12.57
CA PHE B 441 0.63 -32.29 13.95
C PHE B 441 1.13 -30.89 14.22
N LYS B 442 0.48 -30.25 15.20
CA LYS B 442 0.92 -28.94 15.71
C LYS B 442 0.48 -28.80 17.16
N GLY B 443 1.43 -28.46 18.02
CA GLY B 443 1.09 -28.23 19.38
C GLY B 443 0.40 -29.48 19.90
N LYS B 444 -0.79 -29.32 20.47
CA LYS B 444 -1.42 -30.45 21.15
C LYS B 444 -2.32 -31.28 20.24
N THR B 445 -2.20 -31.03 18.94
CA THR B 445 -3.07 -31.71 18.04
C THR B 445 -2.38 -32.61 17.02
N LEU B 446 -2.66 -33.89 17.08
CA LEU B 446 -2.18 -34.82 16.02
C LEU B 446 -3.42 -35.19 15.20
N VAL B 447 -3.30 -35.11 13.90
CA VAL B 447 -4.40 -35.51 13.00
C VAL B 447 -3.90 -36.52 11.98
N ALA B 448 -4.71 -37.56 11.72
CA ALA B 448 -4.31 -38.55 10.70
C ALA B 448 -5.49 -38.95 9.85
N ALA B 449 -5.30 -39.02 8.53
CA ALA B 449 -6.24 -39.67 7.61
C ALA B 449 -5.87 -41.13 7.51
N VAL B 450 -6.79 -42.02 7.86
CA VAL B 450 -6.47 -43.45 8.00
C VAL B 450 -7.52 -44.30 7.30
N GLU B 451 -7.20 -45.59 7.14
CA GLU B 451 -8.14 -46.53 6.58
C GLU B 451 -8.45 -47.58 7.60
N LYS B 452 -9.73 -47.91 7.70
CA LYS B 452 -10.16 -49.07 8.49
C LYS B 452 -11.14 -49.91 7.68
N ASP B 453 -10.77 -51.14 7.40
CA ASP B 453 -11.73 -52.07 6.80
C ASP B 453 -12.56 -51.38 5.72
N GLY B 454 -11.87 -50.81 4.73
CA GLY B 454 -12.52 -50.43 3.46
C GLY B 454 -13.14 -49.04 3.47
N GLN B 455 -13.08 -48.38 4.62
CA GLN B 455 -13.62 -47.05 4.74
C GLN B 455 -12.54 -46.19 5.34
N SER B 456 -12.52 -44.91 5.00
CA SER B 456 -11.57 -43.96 5.53
C SER B 456 -12.23 -43.08 6.54
N PHE B 457 -11.42 -42.65 7.51
CA PHE B 457 -11.81 -41.91 8.70
C PHE B 457 -10.80 -40.80 9.03
N LEU B 458 -11.26 -39.74 9.69
CA LEU B 458 -10.29 -38.77 10.16
C LEU B 458 -10.08 -39.04 11.63
N GLU B 459 -8.82 -39.13 12.05
CA GLU B 459 -8.50 -39.39 13.43
C GLU B 459 -7.88 -38.15 13.97
N ILE B 460 -8.40 -37.65 15.08
CA ILE B 460 -7.71 -36.51 15.75
C ILE B 460 -7.34 -36.84 17.21
N LEU B 461 -6.13 -36.50 17.60
CA LEU B 461 -5.58 -36.78 18.92
C LEU B 461 -5.12 -35.54 19.65
N ASP B 462 -5.48 -35.48 20.91
CA ASP B 462 -5.34 -34.30 21.71
C ASP B 462 -4.42 -34.59 22.92
N PHE B 463 -3.28 -33.89 22.93
CA PHE B 463 -2.27 -34.02 23.97
C PHE B 463 -2.31 -32.87 25.01
N SER B 464 -3.40 -32.08 25.09
CA SER B 464 -3.50 -31.11 26.22
C SER B 464 -3.93 -31.75 27.53
N SER C 7 12.20 -4.65 20.90
CA SER C 7 11.80 -3.23 21.23
C SER C 7 10.27 -2.97 21.34
N ASN C 8 9.76 -2.77 22.55
CA ASN C 8 8.32 -2.55 22.82
C ASN C 8 7.99 -1.24 23.53
N VAL C 9 6.69 -1.00 23.62
CA VAL C 9 6.17 0.23 24.14
C VAL C 9 4.84 -0.18 24.75
N VAL C 10 4.38 0.57 25.75
CA VAL C 10 3.09 0.23 26.37
C VAL C 10 2.10 1.33 26.12
N LEU C 11 0.89 1.01 25.65
CA LEU C 11 -0.13 2.05 25.52
C LEU C 11 -1.21 1.76 26.56
N VAL C 12 -1.47 2.77 27.40
CA VAL C 12 -2.44 2.69 28.49
C VAL C 12 -3.77 3.26 28.06
N SER C 13 -4.83 2.47 28.20
CA SER C 13 -6.14 2.92 27.75
C SER C 13 -6.77 3.70 28.85
N GLY C 14 -7.84 4.41 28.50
CA GLY C 14 -8.63 5.18 29.44
C GLY C 14 -9.16 4.36 30.61
N GLU C 15 -9.16 3.04 30.51
CA GLU C 15 -9.59 2.17 31.62
C GLU C 15 -8.42 1.65 32.50
N GLY C 16 -7.20 2.11 32.23
CA GLY C 16 -6.01 1.66 32.96
C GLY C 16 -5.26 0.43 32.43
N GLU C 17 -5.70 -0.11 31.29
CA GLU C 17 -5.17 -1.37 30.75
C GLU C 17 -4.01 -1.10 29.83
N ARG C 18 -2.94 -1.84 30.09
CA ARG C 18 -1.66 -1.66 29.43
C ARG C 18 -1.55 -2.62 28.29
N PHE C 19 -1.25 -2.09 27.12
CA PHE C 19 -1.10 -2.85 25.90
C PHE C 19 0.33 -2.76 25.41
N THR C 20 1.02 -3.90 25.38
CA THR C 20 2.37 -3.99 24.87
C THR C 20 2.27 -4.17 23.38
N VAL C 21 3.06 -3.41 22.66
CA VAL C 21 3.03 -3.40 21.22
C VAL C 21 4.48 -3.18 20.78
N ASP C 22 4.85 -3.80 19.67
CA ASP C 22 6.12 -3.50 19.01
C ASP C 22 6.28 -2.01 18.65
N LYS C 23 7.46 -1.44 18.95
CA LYS C 23 7.65 0.01 18.88
C LYS C 23 7.52 0.50 17.46
N LYS C 24 8.15 -0.24 16.54
CA LYS C 24 8.07 0.01 15.10
C LYS C 24 6.59 0.04 14.69
N ILE C 25 5.83 -0.91 15.20
CA ILE C 25 4.41 -1.04 14.86
C ILE C 25 3.58 0.09 15.45
N ALA C 26 3.73 0.33 16.74
CA ALA C 26 2.97 1.40 17.37
C ALA C 26 3.26 2.76 16.73
N GLU C 27 4.47 2.94 16.20
CA GLU C 27 4.87 4.16 15.53
C GLU C 27 3.95 4.59 14.43
N ARG C 28 3.10 3.68 13.94
CA ARG C 28 2.02 4.01 13.03
C ARG C 28 1.22 5.24 13.49
N SER C 29 0.98 5.34 14.79
CA SER C 29 0.49 6.53 15.45
C SER C 29 1.61 7.55 15.49
N LEU C 30 1.40 8.71 14.85
CA LEU C 30 2.47 9.75 14.78
C LEU C 30 2.61 10.48 16.09
N LEU C 31 1.57 10.42 16.92
CA LEU C 31 1.61 10.98 18.28
C LEU C 31 2.66 10.19 19.04
N LEU C 32 2.59 8.88 18.88
CA LEU C 32 3.49 7.99 19.57
C LEU C 32 4.91 8.16 19.01
N LYS C 33 4.99 8.17 17.68
CA LYS C 33 6.26 8.48 17.03
C LYS C 33 6.83 9.79 17.55
N ASN C 34 5.94 10.77 17.76
CA ASN C 34 6.40 12.08 18.21
C ASN C 34 6.93 12.02 19.64
N TYR C 35 6.39 11.08 20.41
CA TYR C 35 6.50 11.06 21.85
C TYR C 35 7.75 10.28 22.25
N LEU C 36 8.93 10.91 22.41
CA LEU C 36 9.30 12.33 22.03
C LEU C 36 10.74 12.44 21.41
N ASN C 37 11.82 12.48 22.20
CA ASN C 37 11.86 12.24 23.64
C ASN C 37 13.24 12.60 24.19
N ILE C 50 8.46 4.89 26.97
CA ILE C 50 8.30 3.44 27.08
C ILE C 50 6.82 3.20 27.37
N VAL C 51 6.20 4.10 28.15
CA VAL C 51 4.75 4.05 28.45
C VAL C 51 3.99 5.34 28.04
N MET C 52 3.03 5.24 27.12
CA MET C 52 2.23 6.38 26.68
C MET C 52 0.73 6.31 27.04
N PRO C 53 0.20 7.32 27.76
CA PRO C 53 -1.20 7.26 28.07
C PRO C 53 -1.98 7.42 26.81
N VAL C 54 -3.15 6.79 26.72
CA VAL C 54 -4.11 7.13 25.70
C VAL C 54 -5.47 7.47 26.36
N PRO C 55 -5.59 8.68 26.95
CA PRO C 55 -6.80 9.10 27.61
C PRO C 55 -8.07 8.96 26.80
N ASN C 56 -9.13 8.60 27.51
CA ASN C 56 -10.46 8.65 27.02
C ASN C 56 -10.67 7.75 25.85
N VAL C 57 -9.98 6.61 25.84
CA VAL C 57 -10.14 5.58 24.81
C VAL C 57 -10.32 4.26 25.50
N ARG C 58 -11.52 3.68 25.39
CA ARG C 58 -11.86 2.39 26.06
C ARG C 58 -10.90 1.28 25.57
N SER C 59 -10.64 0.31 26.44
CA SER C 59 -9.80 -0.82 26.11
C SER C 59 -10.23 -1.51 24.82
N SER C 60 -11.51 -1.74 24.63
CA SER C 60 -11.87 -2.57 23.48
C SER C 60 -11.54 -1.84 22.21
N VAL C 61 -11.64 -0.51 22.27
CA VAL C 61 -11.31 0.41 21.16
C VAL C 61 -9.81 0.49 20.94
N LEU C 62 -9.03 0.71 22.00
CA LEU C 62 -7.61 0.69 21.86
C LEU C 62 -7.15 -0.64 21.21
N GLN C 63 -7.76 -1.74 21.61
CA GLN C 63 -7.37 -3.09 21.18
C GLN C 63 -7.73 -3.28 19.72
N LYS C 64 -8.92 -2.86 19.36
CA LYS C 64 -9.24 -2.71 17.99
C LYS C 64 -8.11 -1.94 17.19
N VAL C 65 -7.65 -0.76 17.66
CA VAL C 65 -6.67 0.10 16.95
C VAL C 65 -5.37 -0.65 16.75
N ILE C 66 -4.93 -1.28 17.84
CA ILE C 66 -3.71 -1.98 17.82
C ILE C 66 -3.86 -3.18 16.92
N GLU C 67 -5.06 -3.78 16.87
CA GLU C 67 -5.25 -4.91 15.93
C GLU C 67 -5.06 -4.42 14.47
N TRP C 68 -5.56 -3.22 14.18
CA TRP C 68 -5.34 -2.60 12.88
C TRP C 68 -3.84 -2.34 12.61
N ALA C 69 -3.18 -1.67 13.54
CA ALA C 69 -1.78 -1.34 13.33
C ALA C 69 -0.95 -2.62 13.12
N GLU C 70 -1.20 -3.65 13.94
CA GLU C 70 -0.47 -4.91 13.78
C GLU C 70 -0.72 -5.63 12.45
N HIS C 71 -1.97 -5.64 11.99
CA HIS C 71 -2.33 -6.18 10.69
C HIS C 71 -1.74 -5.38 9.53
N HIS C 72 -1.61 -4.06 9.64
CA HIS C 72 -1.04 -3.28 8.55
C HIS C 72 0.43 -3.00 8.73
N ARG C 73 1.05 -3.66 9.69
CA ARG C 73 2.51 -3.57 9.90
C ARG C 73 3.37 -3.35 8.62
N ASP C 74 2.98 -3.87 7.45
CA ASP C 74 3.90 -3.83 6.31
C ASP C 74 3.27 -3.11 5.14
N SER C 75 2.17 -2.41 5.42
CA SER C 75 1.44 -1.64 4.42
C SER C 75 2.17 -0.37 4.05
N ASN C 76 2.16 -0.03 2.76
CA ASN C 76 2.63 1.28 2.36
C ASN C 76 1.47 2.20 2.12
N PHE C 77 1.40 3.25 2.93
CA PHE C 77 0.38 4.30 2.76
C PHE C 77 1.03 5.55 2.12
N PRO C 78 0.26 6.31 1.31
CA PRO C 78 0.93 7.39 0.54
C PRO C 78 0.88 8.76 1.22
N PRO C 90 -10.26 5.83 -3.44
CA PRO C 90 -9.27 4.74 -3.18
C PRO C 90 -9.73 3.39 -2.46
N VAL C 91 -10.76 3.40 -1.58
CA VAL C 91 -11.39 2.14 -0.94
C VAL C 91 -10.47 1.10 -0.14
N ASP C 92 -11.08 0.14 0.58
CA ASP C 92 -10.40 -0.77 1.58
C ASP C 92 -11.04 -2.19 1.68
N SER C 93 -10.35 -3.23 2.24
CA SER C 93 -10.94 -4.62 2.33
C SER C 93 -10.97 -5.54 3.59
N TRP C 94 -9.86 -5.70 4.30
CA TRP C 94 -9.84 -6.43 5.59
C TRP C 94 -10.31 -5.42 6.58
N ASP C 95 -10.15 -4.14 6.19
CA ASP C 95 -10.64 -2.98 6.97
C ASP C 95 -12.19 -2.93 6.98
N ARG C 96 -12.83 -3.60 6.05
CA ARG C 96 -14.28 -3.63 6.00
C ARG C 96 -14.95 -4.60 6.95
N GLU C 97 -14.36 -5.77 7.19
CA GLU C 97 -14.81 -6.59 8.27
C GLU C 97 -14.44 -5.89 9.56
N PHE C 98 -13.25 -5.34 9.60
CA PHE C 98 -12.76 -4.72 10.80
C PHE C 98 -13.58 -3.52 11.22
N LEU C 99 -14.08 -2.76 10.26
CA LEU C 99 -14.91 -1.62 10.60
C LEU C 99 -16.41 -1.92 10.57
N LYS C 100 -16.77 -3.17 10.41
CA LYS C 100 -18.18 -3.56 10.41
C LYS C 100 -18.55 -3.85 11.86
N VAL C 101 -18.78 -2.76 12.59
CA VAL C 101 -19.09 -2.79 14.03
C VAL C 101 -20.33 -1.92 14.33
N ASP C 102 -20.78 -1.86 15.56
CA ASP C 102 -21.87 -0.91 15.73
C ASP C 102 -21.35 0.52 15.76
N GLN C 103 -22.30 1.42 15.57
CA GLN C 103 -22.00 2.79 15.34
C GLN C 103 -21.18 3.33 16.47
N GLU C 104 -21.46 2.93 17.71
CA GLU C 104 -20.71 3.49 18.83
C GLU C 104 -19.27 3.14 18.66
N MET C 105 -19.03 1.90 18.26
CA MET C 105 -17.69 1.47 18.17
C MET C 105 -16.99 2.31 17.07
N LEU C 106 -17.65 2.40 15.92
CA LEU C 106 -17.07 3.05 14.77
C LEU C 106 -16.66 4.45 15.14
N TYR C 107 -17.60 5.17 15.70
CA TYR C 107 -17.38 6.53 16.16
C TYR C 107 -16.10 6.60 17.01
N GLU C 108 -16.02 5.67 17.96
CA GLU C 108 -14.99 5.71 18.95
C GLU C 108 -13.62 5.39 18.36
N ILE C 109 -13.64 4.45 17.40
CA ILE C 109 -12.46 4.16 16.63
C ILE C 109 -12.04 5.39 15.84
N ILE C 110 -12.97 6.14 15.26
CA ILE C 110 -12.54 7.36 14.54
C ILE C 110 -11.88 8.36 15.50
N LEU C 111 -12.42 8.50 16.70
CA LEU C 111 -11.85 9.46 17.66
C LEU C 111 -10.44 9.06 18.01
N ALA C 112 -10.27 7.81 18.39
CA ALA C 112 -8.95 7.26 18.71
C ALA C 112 -7.97 7.39 17.55
N ALA C 113 -8.43 7.15 16.30
CA ALA C 113 -7.50 7.34 15.14
C ALA C 113 -7.13 8.79 15.05
N ASN C 114 -8.11 9.65 15.22
CA ASN C 114 -7.80 11.04 15.13
C ASN C 114 -6.82 11.40 16.24
N TYR C 115 -7.12 10.99 17.48
CA TYR C 115 -6.34 11.47 18.61
C TYR C 115 -4.88 11.01 18.44
N LEU C 116 -4.71 9.77 17.98
CA LEU C 116 -3.45 9.08 17.92
C LEU C 116 -2.73 9.38 16.62
N ASN C 117 -3.41 10.10 15.75
CA ASN C 117 -2.83 10.51 14.46
C ASN C 117 -2.41 9.35 13.51
N ILE C 118 -3.40 8.58 13.09
CA ILE C 118 -3.18 7.46 12.20
C ILE C 118 -4.14 7.78 11.09
N LYS C 119 -3.64 8.53 10.10
CA LYS C 119 -4.39 8.97 8.95
C LYS C 119 -5.07 7.82 8.21
N PRO C 120 -4.33 6.74 7.93
CA PRO C 120 -4.98 5.79 7.04
C PRO C 120 -6.18 5.12 7.68
N LEU C 121 -6.18 4.99 9.00
CA LEU C 121 -7.35 4.43 9.71
C LEU C 121 -8.50 5.40 9.83
N LEU C 122 -8.19 6.63 10.20
CA LEU C 122 -9.22 7.64 10.20
C LEU C 122 -9.85 7.75 8.77
N ASP C 123 -8.99 7.92 7.78
CA ASP C 123 -9.41 7.93 6.41
C ASP C 123 -10.32 6.71 6.22
N ALA C 124 -9.86 5.52 6.60
CA ALA C 124 -10.69 4.33 6.45
C ALA C 124 -12.02 4.38 7.17
N GLY C 125 -12.09 4.95 8.36
CA GLY C 125 -13.37 4.98 9.07
C GLY C 125 -14.32 5.98 8.43
N CYS C 126 -13.77 7.12 8.03
CA CYS C 126 -14.57 8.12 7.36
C CYS C 126 -15.14 7.54 6.09
N LYS C 127 -14.33 6.81 5.31
CA LYS C 127 -14.89 6.19 4.10
C LYS C 127 -16.10 5.33 4.47
N VAL C 128 -15.99 4.55 5.55
CA VAL C 128 -17.08 3.70 5.98
C VAL C 128 -18.32 4.49 6.36
N VAL C 129 -18.18 5.52 7.17
CA VAL C 129 -19.32 6.42 7.40
C VAL C 129 -19.96 6.94 6.10
N ALA C 130 -19.15 7.43 5.16
CA ALA C 130 -19.65 7.83 3.85
C ALA C 130 -20.41 6.73 3.17
N GLU C 131 -19.94 5.46 3.22
CA GLU C 131 -20.65 4.29 2.54
C GLU C 131 -22.09 4.17 3.13
N MET C 132 -22.27 4.59 4.37
CA MET C 132 -23.61 4.54 4.94
C MET C 132 -24.60 5.56 4.32
N ILE C 133 -24.07 6.64 3.74
CA ILE C 133 -24.89 7.76 3.34
C ILE C 133 -25.09 7.70 1.82
N ARG C 134 -24.09 7.18 1.13
CA ARG C 134 -24.12 7.09 -0.34
C ARG C 134 -25.46 6.61 -0.87
N GLY C 135 -26.00 7.36 -1.83
CA GLY C 135 -27.22 7.03 -2.57
C GLY C 135 -28.49 6.89 -1.76
N ARG C 136 -28.48 7.24 -0.48
CA ARG C 136 -29.66 7.14 0.36
C ARG C 136 -30.38 8.48 0.43
N SER C 137 -31.71 8.47 0.53
CA SER C 137 -32.48 9.70 0.68
C SER C 137 -32.38 10.24 2.12
N PRO C 138 -32.83 11.51 2.31
CA PRO C 138 -32.77 12.07 3.68
C PRO C 138 -33.58 11.23 4.69
N GLU C 139 -34.75 10.75 4.28
CA GLU C 139 -35.55 9.80 5.08
C GLU C 139 -34.67 8.62 5.52
N GLU C 140 -33.99 7.93 4.60
CA GLU C 140 -33.07 6.84 5.01
C GLU C 140 -31.86 7.23 5.89
N ILE C 141 -31.21 8.33 5.57
CA ILE C 141 -30.11 8.78 6.39
C ILE C 141 -30.57 8.96 7.84
N ARG C 142 -31.70 9.62 8.01
CA ARG C 142 -32.32 9.78 9.32
C ARG C 142 -32.59 8.47 10.07
N ARG C 143 -33.17 7.52 9.37
CA ARG C 143 -33.50 6.25 9.96
C ARG C 143 -32.22 5.49 10.33
N THR C 144 -31.18 5.61 9.49
CA THR C 144 -29.93 4.94 9.74
C THR C 144 -29.31 5.44 11.01
N PHE C 145 -29.28 6.75 11.22
CA PHE C 145 -28.60 7.37 12.41
C PHE C 145 -29.52 7.84 13.54
N ASN C 146 -30.83 7.67 13.38
CA ASN C 146 -31.81 8.02 14.42
C ASN C 146 -31.83 9.52 14.65
N ILE C 147 -31.81 10.26 13.54
CA ILE C 147 -31.76 11.71 13.60
C ILE C 147 -33.17 12.21 13.42
N VAL C 148 -33.56 13.14 14.28
CA VAL C 148 -34.86 13.80 14.13
C VAL C 148 -34.88 14.84 13.01
N ASN C 149 -35.94 14.82 12.22
CA ASN C 149 -36.19 15.87 11.22
C ASN C 149 -36.63 17.15 11.92
N ASP C 150 -35.79 18.16 12.03
CA ASP C 150 -36.20 19.28 12.86
C ASP C 150 -36.40 20.63 12.13
N PHE C 151 -36.65 20.53 10.82
CA PHE C 151 -37.07 21.59 9.97
C PHE C 151 -38.54 21.92 10.16
N THR C 152 -38.83 23.22 10.11
CA THR C 152 -40.18 23.72 10.09
C THR C 152 -40.80 23.41 8.75
N PRO C 153 -42.13 23.37 8.67
CA PRO C 153 -42.55 23.19 7.30
C PRO C 153 -41.99 24.28 6.36
N GLU C 154 -41.75 25.50 6.84
CA GLU C 154 -41.08 26.51 6.02
C GLU C 154 -39.62 26.13 5.60
N GLU C 155 -38.70 25.95 6.57
CA GLU C 155 -37.35 25.42 6.31
C GLU C 155 -37.30 24.39 5.19
N GLU C 156 -38.20 23.39 5.26
CA GLU C 156 -38.30 22.32 4.27
C GLU C 156 -38.89 22.69 2.92
N ALA C 157 -39.92 23.52 2.86
CA ALA C 157 -40.42 23.94 1.55
C ALA C 157 -39.26 24.60 0.79
N ALA C 158 -38.52 25.46 1.50
CA ALA C 158 -37.37 26.22 0.95
C ALA C 158 -36.24 25.31 0.56
N ILE C 159 -36.40 24.05 0.91
CA ILE C 159 -35.33 23.06 0.72
C ILE C 159 -35.49 22.28 -0.59
N ARG C 160 -36.66 21.73 -0.86
CA ARG C 160 -36.91 21.07 -2.13
C ARG C 160 -36.81 22.06 -3.35
N ARG C 161 -36.66 23.35 -3.02
CA ARG C 161 -36.87 24.45 -3.97
C ARG C 161 -38.34 24.55 -4.36
N ASN D 9 -31.32 3.18 20.96
CA ASN D 9 -30.45 1.93 20.83
C ASN D 9 -28.97 2.28 20.58
N LEU D 10 -28.20 1.37 19.97
CA LEU D 10 -26.79 1.62 19.67
C LEU D 10 -26.57 2.56 18.46
N LYS D 11 -27.52 3.47 18.28
CA LYS D 11 -27.51 4.43 17.14
C LYS D 11 -27.13 5.83 17.55
N ARG D 12 -26.35 6.45 16.68
CA ARG D 12 -25.69 7.69 16.94
C ARG D 12 -25.52 8.57 15.69
N ASP D 13 -25.83 9.85 15.85
CA ASP D 13 -25.64 10.84 14.81
C ASP D 13 -24.15 11.21 14.74
N LEU D 14 -23.45 10.41 13.95
CA LEU D 14 -22.04 10.51 13.81
C LEU D 14 -21.56 11.82 13.29
N ILE D 15 -22.18 12.34 12.23
CA ILE D 15 -21.84 13.67 11.71
C ILE D 15 -21.89 14.75 12.79
N THR D 16 -22.94 14.73 13.59
CA THR D 16 -23.12 15.70 14.62
C THR D 16 -22.13 15.56 15.74
N SER D 17 -21.99 14.31 16.16
CA SER D 17 -21.18 13.90 17.28
C SER D 17 -19.70 14.17 17.05
N LEU D 18 -19.23 14.08 15.82
CA LEU D 18 -17.82 14.08 15.54
C LEU D 18 -17.22 15.48 15.50
N PRO D 19 -15.94 15.61 15.76
CA PRO D 19 -15.44 16.94 15.51
C PRO D 19 -15.80 17.44 14.13
N PHE D 20 -15.92 18.74 14.05
CA PHE D 20 -16.34 19.37 12.79
C PHE D 20 -15.48 18.95 11.60
N GLU D 21 -14.16 19.00 11.74
CA GLU D 21 -13.26 18.64 10.65
C GLU D 21 -13.41 17.18 10.20
N ILE D 22 -13.64 16.28 11.17
CA ILE D 22 -13.81 14.87 10.81
C ILE D 22 -15.08 14.72 9.98
N SER D 23 -16.13 15.42 10.36
CA SER D 23 -17.32 15.40 9.54
C SER D 23 -17.15 15.93 8.10
N LEU D 24 -16.31 16.95 7.88
CA LEU D 24 -16.07 17.40 6.51
C LEU D 24 -15.26 16.38 5.73
N LYS D 25 -14.29 15.76 6.39
CA LYS D 25 -13.58 14.67 5.76
C LYS D 25 -14.63 13.70 5.20
N ILE D 26 -15.48 13.16 6.07
CA ILE D 26 -16.55 12.29 5.67
C ILE D 26 -17.32 12.87 4.49
N PHE D 27 -17.79 14.11 4.60
CA PHE D 27 -18.62 14.65 3.50
C PHE D 27 -17.82 14.80 2.23
N ASN D 28 -16.49 14.92 2.31
CA ASN D 28 -15.70 15.16 1.10
C ASN D 28 -15.44 13.87 0.36
N TYR D 29 -15.88 12.76 0.96
CA TYR D 29 -15.78 11.51 0.22
C TYR D 29 -17.01 11.27 -0.64
N LEU D 30 -18.00 12.16 -0.57
CA LEU D 30 -19.28 11.87 -1.18
C LEU D 30 -19.47 12.62 -2.50
N GLN D 31 -20.33 12.07 -3.36
CA GLN D 31 -20.71 12.68 -4.63
C GLN D 31 -21.64 13.80 -4.24
N PHE D 32 -21.84 14.80 -5.12
CA PHE D 32 -22.58 15.94 -4.74
C PHE D 32 -24.00 15.65 -4.57
N GLU D 33 -24.46 14.60 -5.19
CA GLU D 33 -25.85 14.18 -5.06
C GLU D 33 -26.09 13.87 -3.59
N ASP D 34 -25.14 13.16 -2.99
CA ASP D 34 -25.24 12.80 -1.58
C ASP D 34 -25.12 14.04 -0.69
N ILE D 35 -24.43 15.07 -1.18
CA ILE D 35 -24.31 16.25 -0.38
C ILE D 35 -25.56 17.08 -0.34
N ILE D 36 -26.22 17.18 -1.47
CA ILE D 36 -27.55 17.79 -1.52
C ILE D 36 -28.48 17.04 -0.59
N ASN D 37 -28.46 15.71 -0.63
CA ASN D 37 -29.34 14.97 0.31
C ASN D 37 -29.04 15.21 1.77
N SER D 38 -27.75 15.19 2.11
CA SER D 38 -27.31 15.51 3.43
C SER D 38 -27.82 16.91 3.88
N LEU D 39 -27.90 17.88 2.97
CA LEU D 39 -28.38 19.19 3.37
C LEU D 39 -29.74 19.14 3.94
N GLY D 40 -30.49 18.10 3.58
CA GLY D 40 -31.91 18.02 3.87
C GLY D 40 -32.10 17.07 5.02
N VAL D 41 -31.01 16.56 5.57
CA VAL D 41 -31.15 15.67 6.70
C VAL D 41 -31.64 16.32 8.00
N SER D 42 -31.11 17.48 8.37
CA SER D 42 -31.56 18.17 9.60
C SER D 42 -30.84 19.49 9.68
N GLN D 43 -31.29 20.36 10.59
CA GLN D 43 -30.67 21.67 10.79
C GLN D 43 -29.18 21.59 11.04
N ASN D 44 -28.82 20.67 11.92
CA ASN D 44 -27.44 20.51 12.23
C ASN D 44 -26.60 20.04 11.05
N TRP D 45 -27.11 19.13 10.23
CA TRP D 45 -26.35 18.78 9.00
C TRP D 45 -26.35 19.90 8.03
N ASN D 46 -27.44 20.66 8.04
CA ASN D 46 -27.53 21.78 7.17
C ASN D 46 -26.48 22.78 7.55
N LYS D 47 -26.39 23.13 8.83
CA LYS D 47 -25.44 24.14 9.25
C LYS D 47 -24.02 23.65 8.90
N ILE D 48 -23.73 22.41 9.30
CA ILE D 48 -22.45 21.86 9.08
C ILE D 48 -22.02 21.99 7.64
N ILE D 49 -22.89 21.56 6.71
CA ILE D 49 -22.48 21.56 5.34
C ILE D 49 -22.27 22.99 4.77
N ARG D 50 -23.09 23.90 5.24
CA ARG D 50 -23.12 25.24 4.73
C ARG D 50 -22.03 26.09 5.36
N LYS D 51 -21.34 25.56 6.35
CA LYS D 51 -20.28 26.27 7.03
C LYS D 51 -18.94 26.19 6.25
N SER D 52 -18.80 25.22 5.37
CA SER D 52 -17.51 24.88 4.84
C SER D 52 -17.24 25.51 3.47
N THR D 53 -16.29 26.44 3.39
CA THR D 53 -15.99 27.02 2.11
C THR D 53 -15.31 25.95 1.29
N SER D 54 -14.53 25.10 1.93
CA SER D 54 -13.67 24.26 1.15
C SER D 54 -14.42 23.03 0.64
N LEU D 55 -15.57 22.73 1.22
CA LEU D 55 -16.36 21.63 0.71
C LEU D 55 -16.88 22.04 -0.65
N TRP D 56 -17.35 23.27 -0.76
CA TRP D 56 -17.95 23.72 -2.01
C TRP D 56 -16.92 24.04 -3.11
N LYS D 57 -15.76 24.51 -2.67
CA LYS D 57 -14.58 24.69 -3.51
C LYS D 57 -14.28 23.37 -4.20
N LYS D 58 -14.04 22.33 -3.39
CA LYS D 58 -13.69 21.01 -3.94
C LYS D 58 -14.78 20.62 -4.90
N LEU D 59 -16.04 20.88 -4.56
CA LEU D 59 -17.07 20.43 -5.45
C LEU D 59 -16.95 21.13 -6.77
N LEU D 60 -16.71 22.42 -6.76
CA LEU D 60 -16.69 23.18 -7.99
C LEU D 60 -15.52 22.73 -8.89
N ILE D 61 -14.45 22.27 -8.24
CA ILE D 61 -13.28 21.89 -8.93
C ILE D 61 -13.49 20.50 -9.48
N SER D 62 -14.12 19.61 -8.72
CA SER D 62 -14.17 18.24 -9.18
C SER D 62 -15.06 18.14 -10.37
N GLU D 63 -16.07 19.01 -10.49
CA GLU D 63 -16.90 19.10 -11.70
C GLU D 63 -16.32 20.03 -12.77
N ASN D 64 -15.05 20.47 -12.58
CA ASN D 64 -14.33 21.36 -13.52
C ASN D 64 -15.14 22.61 -13.84
N PHE D 65 -15.93 23.14 -12.91
CA PHE D 65 -16.57 24.45 -13.18
C PHE D 65 -15.64 25.56 -12.88
N VAL D 66 -14.51 25.20 -12.27
CA VAL D 66 -13.47 26.15 -12.00
C VAL D 66 -12.18 25.46 -11.58
N SER D 67 -11.09 26.21 -11.61
CA SER D 67 -9.74 25.69 -11.35
C SER D 67 -9.23 26.35 -10.10
N PRO D 68 -8.22 25.78 -9.39
CA PRO D 68 -7.65 26.49 -8.21
C PRO D 68 -7.23 27.95 -8.52
N LYS D 69 -6.56 28.11 -9.68
CA LYS D 69 -5.92 29.38 -10.08
C LYS D 69 -6.87 30.15 -10.94
N GLY D 70 -8.16 30.11 -10.59
CA GLY D 70 -9.25 30.75 -11.36
C GLY D 70 -10.33 31.15 -10.36
N PHE D 71 -10.11 30.74 -9.12
CA PHE D 71 -11.09 30.75 -8.10
C PHE D 71 -11.32 32.11 -7.47
N ASN D 72 -10.26 32.84 -7.12
CA ASN D 72 -10.46 34.21 -6.64
C ASN D 72 -11.31 35.06 -7.59
N SER D 73 -11.07 34.92 -8.88
CA SER D 73 -11.92 35.59 -9.82
C SER D 73 -13.42 35.25 -9.66
N LEU D 74 -13.76 33.95 -9.71
CA LEU D 74 -15.13 33.49 -9.37
C LEU D 74 -15.64 34.00 -7.99
N ASN D 75 -14.83 33.91 -6.94
CA ASN D 75 -15.30 34.42 -5.67
C ASN D 75 -15.75 35.86 -5.81
N LEU D 76 -14.86 36.74 -6.28
CA LEU D 76 -15.22 38.14 -6.51
C LEU D 76 -16.51 38.32 -7.31
N LYS D 77 -16.61 37.68 -8.47
CA LYS D 77 -17.84 37.80 -9.26
C LYS D 77 -19.09 37.42 -8.47
N LEU D 78 -18.99 36.41 -7.61
CA LEU D 78 -20.11 36.09 -6.71
C LEU D 78 -20.38 37.12 -5.63
N SER D 79 -19.35 37.63 -4.97
CA SER D 79 -19.69 38.64 -3.97
C SER D 79 -20.43 39.83 -4.60
N GLN D 80 -20.12 40.13 -5.88
CA GLN D 80 -20.79 41.16 -6.69
C GLN D 80 -22.22 40.80 -7.03
N LYS D 81 -22.42 39.57 -7.47
CA LYS D 81 -23.76 39.13 -7.82
C LYS D 81 -24.62 38.98 -6.57
N TYR D 82 -24.04 38.43 -5.50
CA TYR D 82 -24.82 38.11 -4.32
C TYR D 82 -24.26 38.76 -3.09
N PRO D 83 -24.47 40.06 -2.93
CA PRO D 83 -23.63 40.58 -1.88
C PRO D 83 -24.16 40.22 -0.52
N LYS D 84 -25.44 39.90 -0.42
CA LYS D 84 -26.02 39.58 0.89
C LYS D 84 -25.74 38.16 1.33
N LEU D 85 -24.94 37.44 0.57
CA LEU D 85 -24.74 36.01 0.90
C LEU D 85 -23.32 35.73 1.40
N SER D 86 -23.17 34.65 2.18
CA SER D 86 -21.85 34.23 2.68
C SER D 86 -21.03 33.49 1.60
N GLN D 87 -19.71 33.44 1.81
CA GLN D 87 -18.88 32.86 0.83
C GLN D 87 -19.46 31.47 0.55
N GLN D 88 -19.62 30.65 1.59
CA GLN D 88 -20.11 29.28 1.46
C GLN D 88 -21.36 29.24 0.67
N ASP D 89 -22.29 30.10 0.99
CA ASP D 89 -23.57 30.01 0.34
C ASP D 89 -23.51 30.48 -1.09
N ARG D 90 -22.59 31.42 -1.37
CA ARG D 90 -22.33 31.85 -2.76
C ARG D 90 -21.83 30.66 -3.56
N LEU D 91 -20.91 29.88 -3.00
CA LEU D 91 -20.27 28.84 -3.76
C LEU D 91 -21.32 27.79 -4.09
N ARG D 92 -22.15 27.51 -3.10
CA ARG D 92 -23.17 26.48 -3.25
C ARG D 92 -24.16 26.88 -4.32
N LEU D 93 -24.70 28.09 -4.29
CA LEU D 93 -25.63 28.46 -5.36
C LEU D 93 -24.89 28.42 -6.71
N SER D 94 -23.58 28.72 -6.71
CA SER D 94 -22.87 28.72 -7.95
C SER D 94 -22.76 27.30 -8.48
N PHE D 95 -22.54 26.36 -7.56
CA PHE D 95 -22.43 24.97 -7.89
C PHE D 95 -23.76 24.45 -8.43
N LEU D 96 -24.83 24.73 -7.71
CA LEU D 96 -26.15 24.27 -8.10
C LEU D 96 -26.59 24.83 -9.43
N GLU D 97 -26.20 26.06 -9.73
CA GLU D 97 -26.58 26.67 -10.98
C GLU D 97 -25.78 26.02 -12.10
N ASN D 98 -24.52 25.73 -11.83
CA ASN D 98 -23.68 25.22 -12.89
C ASN D 98 -24.10 23.81 -13.25
N ILE D 99 -24.42 23.02 -12.24
CA ILE D 99 -24.91 21.68 -12.52
C ILE D 99 -26.16 21.69 -13.42
N PHE D 100 -27.09 22.56 -13.14
CA PHE D 100 -28.30 22.71 -13.92
C PHE D 100 -27.97 23.03 -15.35
N ILE D 101 -27.12 24.00 -15.54
CA ILE D 101 -26.73 24.38 -16.88
C ILE D 101 -25.98 23.24 -17.58
N LEU D 102 -25.08 22.57 -16.86
CA LEU D 102 -24.35 21.46 -17.43
C LEU D 102 -25.27 20.28 -17.81
N LYS D 103 -26.13 19.85 -16.87
CA LYS D 103 -27.14 18.84 -17.18
C LYS D 103 -27.91 19.12 -18.45
N ASN D 104 -28.30 20.36 -18.69
CA ASN D 104 -28.90 20.75 -19.93
C ASN D 104 -27.92 20.60 -21.11
N TRP D 105 -26.69 21.11 -20.97
CA TRP D 105 -25.69 20.94 -22.01
C TRP D 105 -25.54 19.46 -22.27
N TYR D 106 -25.79 18.59 -21.29
CA TYR D 106 -25.47 17.17 -21.53
C TYR D 106 -26.61 16.32 -22.07
N ASN D 107 -27.81 16.88 -22.09
CA ASN D 107 -28.97 16.07 -22.34
C ASN D 107 -29.35 16.23 -23.80
N PRO D 108 -29.38 15.12 -24.58
CA PRO D 108 -29.58 15.27 -26.02
C PRO D 108 -31.00 15.70 -26.31
N LYS D 109 -31.88 15.66 -25.31
CA LYS D 109 -33.30 16.06 -25.44
C LYS D 109 -33.45 17.55 -25.26
N PHE D 110 -32.59 18.14 -24.44
CA PHE D 110 -32.67 19.58 -24.22
C PHE D 110 -32.46 20.35 -25.50
N VAL D 111 -33.30 21.33 -25.74
CA VAL D 111 -33.12 22.20 -26.90
C VAL D 111 -32.94 23.63 -26.44
N PRO D 112 -31.79 24.21 -26.74
CA PRO D 112 -31.55 25.58 -26.28
C PRO D 112 -32.42 26.59 -27.00
N GLN D 113 -32.42 27.81 -26.51
CA GLN D 113 -33.12 28.87 -27.15
C GLN D 113 -32.22 29.43 -28.24
N ARG D 114 -32.75 29.63 -29.44
CA ARG D 114 -31.89 30.09 -30.51
C ARG D 114 -32.25 31.49 -30.88
N THR D 115 -31.27 32.41 -30.91
CA THR D 115 -31.52 33.75 -31.43
C THR D 115 -30.57 34.04 -32.61
N THR D 116 -31.11 34.66 -33.65
CA THR D 116 -30.35 34.99 -34.86
C THR D 116 -30.30 36.48 -35.10
N LEU D 117 -29.12 37.01 -35.37
CA LEU D 117 -28.95 38.44 -35.47
C LEU D 117 -28.21 38.59 -36.76
N ARG D 118 -28.58 39.61 -37.53
CA ARG D 118 -27.85 40.02 -38.71
C ARG D 118 -26.36 40.20 -38.35
N GLY D 119 -25.48 39.58 -39.17
CA GLY D 119 -24.02 39.71 -39.09
C GLY D 119 -23.46 40.87 -39.91
N HIS D 120 -22.46 40.61 -40.74
CA HIS D 120 -21.69 41.64 -41.45
C HIS D 120 -22.11 41.75 -42.92
N MET D 121 -21.71 42.85 -43.56
CA MET D 121 -21.90 43.01 -45.01
C MET D 121 -21.26 41.91 -45.89
N THR D 122 -20.06 41.50 -45.51
CA THR D 122 -19.34 40.42 -46.14
C THR D 122 -19.71 39.13 -45.41
N SER D 123 -19.61 38.01 -46.09
CA SER D 123 -20.19 36.80 -45.58
C SER D 123 -19.19 35.98 -44.81
N VAL D 124 -18.00 36.53 -44.55
CA VAL D 124 -16.92 35.84 -43.85
C VAL D 124 -16.43 36.66 -42.67
N ILE D 125 -16.67 36.15 -41.45
CA ILE D 125 -16.22 36.75 -40.20
C ILE D 125 -14.77 36.31 -39.95
N THR D 126 -13.94 37.22 -39.45
CA THR D 126 -12.55 36.90 -39.20
C THR D 126 -12.21 36.74 -37.77
N CYS D 127 -12.99 37.29 -36.85
CA CYS D 127 -12.65 37.20 -35.41
C CYS D 127 -13.84 37.51 -34.53
N LEU D 128 -13.80 36.94 -33.34
CA LEU D 128 -14.94 36.85 -32.46
C LEU D 128 -14.43 36.86 -31.04
N GLN D 129 -14.97 37.80 -30.27
CA GLN D 129 -14.76 37.92 -28.86
C GLN D 129 -16.10 37.76 -28.12
N PHE D 130 -16.08 37.03 -27.02
CA PHE D 130 -17.25 36.85 -26.17
C PHE D 130 -16.86 37.08 -24.68
N GLU D 131 -17.26 38.24 -24.14
CA GLU D 131 -16.78 38.71 -22.83
C GLU D 131 -17.75 39.69 -22.22
N ASP D 132 -18.01 39.54 -20.92
CA ASP D 132 -18.87 40.47 -20.18
C ASP D 132 -20.17 40.74 -20.91
N ASN D 133 -20.86 39.70 -21.37
CA ASN D 133 -22.14 39.95 -22.00
C ASN D 133 -22.09 40.70 -23.33
N TYR D 134 -20.88 40.77 -23.90
CA TYR D 134 -20.68 41.40 -25.18
C TYR D 134 -20.21 40.33 -26.11
N VAL D 135 -20.76 40.33 -27.32
CA VAL D 135 -20.20 39.58 -28.42
C VAL D 135 -19.75 40.56 -29.47
N ILE D 136 -18.47 40.44 -29.82
CA ILE D 136 -17.84 41.31 -30.81
C ILE D 136 -17.25 40.47 -31.96
N THR D 137 -17.53 40.94 -33.17
CA THR D 137 -17.06 40.29 -34.38
C THR D 137 -16.43 41.31 -35.29
N GLY D 138 -15.46 40.88 -36.07
CA GLY D 138 -14.87 41.76 -37.04
C GLY D 138 -14.84 40.99 -38.32
N ALA D 139 -14.66 41.71 -39.41
CA ALA D 139 -14.68 41.10 -40.71
C ALA D 139 -14.02 41.97 -41.75
N ASP D 140 -14.08 41.43 -42.97
CA ASP D 140 -13.52 42.02 -44.18
C ASP D 140 -14.20 43.23 -44.69
N ASP D 141 -15.31 43.61 -44.07
CA ASP D 141 -16.07 44.78 -44.48
C ASP D 141 -15.58 46.03 -43.73
N LYS D 142 -14.52 45.88 -42.95
CA LYS D 142 -13.92 47.04 -42.26
C LYS D 142 -14.64 47.45 -40.98
N MET D 143 -15.56 46.58 -40.52
CA MET D 143 -16.50 46.85 -39.40
C MET D 143 -16.33 45.92 -38.21
N ILE D 144 -16.56 46.48 -37.02
CA ILE D 144 -16.64 45.70 -35.80
C ILE D 144 -18.07 45.79 -35.35
N ARG D 145 -18.68 44.66 -34.94
CA ARG D 145 -20.10 44.66 -34.53
C ARG D 145 -20.22 44.19 -33.10
N VAL D 146 -20.84 45.01 -32.28
CA VAL D 146 -20.99 44.73 -30.91
C VAL D 146 -22.42 44.29 -30.61
N TYR D 147 -22.56 43.09 -30.05
CA TYR D 147 -23.84 42.54 -29.64
C TYR D 147 -23.89 42.34 -28.13
N ASP D 148 -25.13 42.33 -27.60
CA ASP D 148 -25.42 42.10 -26.20
C ASP D 148 -25.96 40.66 -26.06
N SER D 149 -25.27 39.87 -25.22
CA SER D 149 -25.52 38.45 -25.09
C SER D 149 -26.58 38.01 -24.06
N ILE D 150 -26.93 38.87 -23.12
CA ILE D 150 -28.10 38.61 -22.28
C ILE D 150 -29.35 38.91 -23.08
N ASN D 151 -29.53 40.16 -23.45
CA ASN D 151 -30.76 40.56 -24.11
C ASN D 151 -30.75 40.08 -25.53
N LYS D 152 -29.63 39.48 -25.95
CA LYS D 152 -29.54 38.90 -27.27
C LYS D 152 -29.90 39.90 -28.36
N LYS D 153 -29.21 41.03 -28.40
CA LYS D 153 -29.47 42.03 -29.46
C LYS D 153 -28.21 42.71 -29.98
N PHE D 154 -28.32 43.21 -31.20
CA PHE D 154 -27.27 43.95 -31.82
C PHE D 154 -27.15 45.31 -31.09
N LEU D 155 -25.98 45.59 -30.51
CA LEU D 155 -25.77 46.88 -29.88
C LEU D 155 -25.36 47.93 -30.90
N LEU D 156 -24.27 47.71 -31.64
CA LEU D 156 -23.78 48.74 -32.59
C LEU D 156 -22.56 48.38 -33.45
N GLN D 157 -22.52 48.97 -34.64
CA GLN D 157 -21.39 48.86 -35.55
C GLN D 157 -20.38 49.99 -35.31
N LEU D 158 -19.11 49.61 -35.14
CA LEU D 158 -17.98 50.53 -35.01
C LEU D 158 -17.20 50.57 -36.30
N SER D 159 -17.22 51.71 -36.99
CA SER D 159 -16.51 51.84 -38.27
C SER D 159 -15.37 52.87 -38.27
N GLY D 160 -14.50 52.83 -39.28
CA GLY D 160 -13.36 53.72 -39.25
C GLY D 160 -12.10 53.07 -39.78
N HIS D 161 -11.94 51.78 -39.55
CA HIS D 161 -10.84 51.09 -40.16
C HIS D 161 -10.86 51.26 -41.66
N ASP D 162 -9.70 51.46 -42.27
CA ASP D 162 -9.69 51.54 -43.74
C ASP D 162 -9.47 50.24 -44.45
N GLY D 163 -9.29 49.15 -43.70
CA GLY D 163 -9.19 47.80 -44.30
C GLY D 163 -9.93 46.75 -43.48
N GLY D 164 -9.75 45.47 -43.79
CA GLY D 164 -10.43 44.43 -43.05
C GLY D 164 -9.83 44.26 -41.66
N VAL D 165 -10.64 43.81 -40.72
CA VAL D 165 -10.20 43.63 -39.35
C VAL D 165 -9.65 42.21 -39.21
N TRP D 166 -8.41 42.06 -38.76
CA TRP D 166 -7.77 40.79 -38.71
C TRP D 166 -7.73 40.29 -37.25
N ALA D 167 -7.82 41.23 -36.28
CA ALA D 167 -7.72 40.89 -34.86
C ALA D 167 -8.39 41.88 -33.86
N LEU D 168 -8.93 41.34 -32.75
CA LEU D 168 -9.54 42.17 -31.72
C LEU D 168 -9.48 41.57 -30.34
N LYS D 169 -9.26 42.40 -29.34
CA LYS D 169 -9.15 41.88 -27.99
C LYS D 169 -9.97 42.79 -27.14
N TYR D 170 -10.87 42.21 -26.37
CA TYR D 170 -11.68 42.99 -25.49
C TYR D 170 -10.90 43.11 -24.21
N ALA D 171 -10.95 44.30 -23.59
CA ALA D 171 -10.38 44.54 -22.27
C ALA D 171 -11.43 45.02 -21.30
N HIS D 172 -11.29 44.64 -20.05
CA HIS D 172 -12.30 44.97 -19.05
C HIS D 172 -12.75 46.41 -19.18
N GLY D 173 -14.08 46.68 -19.12
CA GLY D 173 -14.61 48.06 -19.08
C GLY D 173 -15.23 48.59 -20.39
N GLY D 174 -15.67 47.67 -21.27
CA GLY D 174 -16.23 48.04 -22.57
C GLY D 174 -15.16 48.59 -23.53
N ILE D 175 -13.93 48.14 -23.35
CA ILE D 175 -12.82 48.62 -24.18
C ILE D 175 -12.40 47.55 -25.17
N LEU D 176 -12.12 47.98 -26.38
CA LEU D 176 -11.75 47.05 -27.43
C LEU D 176 -10.50 47.50 -28.14
N VAL D 177 -9.67 46.55 -28.55
CA VAL D 177 -8.54 46.93 -29.36
C VAL D 177 -8.68 46.06 -30.59
N SER D 178 -8.54 46.68 -31.75
CA SER D 178 -8.52 45.91 -32.98
C SER D 178 -7.28 46.25 -33.80
N GLY D 179 -6.96 45.35 -34.74
CA GLY D 179 -5.87 45.52 -35.71
C GLY D 179 -6.37 45.22 -37.12
N SER D 180 -5.84 45.88 -38.14
CA SER D 180 -6.43 45.87 -39.47
C SER D 180 -5.39 45.81 -40.60
N THR D 181 -5.85 45.41 -41.80
CA THR D 181 -4.99 45.59 -42.98
C THR D 181 -4.65 47.06 -43.21
N ASP D 182 -5.33 48.03 -42.54
CA ASP D 182 -5.00 49.48 -42.76
C ASP D 182 -3.76 49.91 -42.00
N ARG D 183 -3.16 48.90 -41.38
CA ARG D 183 -1.98 48.96 -40.49
C ARG D 183 -2.13 49.79 -39.23
N THR D 184 -3.36 50.10 -38.86
CA THR D 184 -3.57 50.78 -37.60
C THR D 184 -3.96 49.81 -36.46
N VAL D 185 -3.72 50.26 -35.25
CA VAL D 185 -4.14 49.60 -34.07
C VAL D 185 -5.17 50.55 -33.55
N ARG D 186 -6.38 50.07 -33.30
CA ARG D 186 -7.42 50.96 -32.81
C ARG D 186 -7.97 50.49 -31.52
N VAL D 187 -8.30 51.48 -30.70
CA VAL D 187 -8.87 51.31 -29.36
C VAL D 187 -10.29 51.89 -29.30
N TRP D 188 -11.25 51.11 -28.81
CA TRP D 188 -12.63 51.54 -28.86
C TRP D 188 -13.24 51.66 -27.47
N ASP D 189 -14.24 52.54 -27.30
CA ASP D 189 -15.18 52.48 -26.15
C ASP D 189 -16.56 52.09 -26.66
N ILE D 190 -17.05 50.94 -26.18
CA ILE D 190 -18.38 50.49 -26.57
C ILE D 190 -19.50 51.34 -26.01
N LYS D 191 -19.44 51.61 -24.72
CA LYS D 191 -20.52 52.37 -24.13
C LYS D 191 -20.60 53.71 -24.83
N LYS D 192 -19.50 54.43 -24.96
CA LYS D 192 -19.50 55.66 -25.74
C LYS D 192 -19.70 55.47 -27.28
N GLY D 193 -19.34 54.28 -27.81
CA GLY D 193 -19.59 53.94 -29.22
C GLY D 193 -18.71 54.55 -30.31
N CYS D 194 -17.41 54.70 -30.03
CA CYS D 194 -16.51 55.32 -30.97
C CYS D 194 -15.08 54.83 -30.84
N CYS D 195 -14.29 55.13 -31.85
CA CYS D 195 -12.85 55.04 -31.75
C CYS D 195 -12.36 56.14 -30.82
N THR D 196 -11.66 55.76 -29.77
CA THR D 196 -10.96 56.72 -28.91
C THR D 196 -9.56 57.05 -29.41
N HIS D 197 -8.76 56.04 -29.80
CA HIS D 197 -7.34 56.25 -30.24
C HIS D 197 -6.94 55.46 -31.49
N VAL D 198 -6.20 56.11 -32.40
CA VAL D 198 -5.54 55.45 -33.52
C VAL D 198 -4.01 55.44 -33.32
N PHE D 199 -3.38 54.27 -33.44
CA PHE D 199 -1.95 54.15 -33.26
C PHE D 199 -1.33 53.68 -34.56
N GLU D 200 -0.77 54.60 -35.31
CA GLU D 200 0.00 54.28 -36.49
C GLU D 200 1.39 53.89 -36.08
N GLY D 201 2.08 53.13 -36.94
CA GLY D 201 3.45 52.79 -36.68
C GLY D 201 3.82 51.49 -37.34
N HIS D 202 2.85 50.59 -37.47
CA HIS D 202 3.12 49.38 -38.20
C HIS D 202 3.26 49.76 -39.66
N ASN D 203 4.11 49.05 -40.40
CA ASN D 203 4.34 49.44 -41.79
C ASN D 203 3.61 48.49 -42.67
N SER D 204 2.84 47.57 -42.05
CA SER D 204 2.11 46.53 -42.79
C SER D 204 0.94 46.01 -41.99
N THR D 205 0.10 45.14 -42.57
CA THR D 205 -1.08 44.61 -41.87
C THR D 205 -0.83 44.22 -40.39
N VAL D 206 -1.73 44.63 -39.48
CA VAL D 206 -1.67 44.11 -38.11
C VAL D 206 -2.37 42.78 -38.11
N ARG D 207 -1.64 41.70 -37.90
CA ARG D 207 -2.18 40.36 -38.10
C ARG D 207 -2.73 39.70 -36.79
N CYS D 208 -2.20 40.09 -35.63
CA CYS D 208 -2.55 39.47 -34.38
C CYS D 208 -2.27 40.43 -33.26
N LEU D 209 -2.77 40.13 -32.07
CA LEU D 209 -2.64 41.05 -30.91
C LEU D 209 -3.08 40.43 -29.60
N ASP D 210 -2.57 40.93 -28.48
CA ASP D 210 -2.95 40.38 -27.21
C ASP D 210 -2.92 41.54 -26.24
N ILE D 211 -3.42 41.35 -25.03
CA ILE D 211 -3.33 42.39 -24.03
C ILE D 211 -2.81 41.74 -22.78
N VAL D 212 -1.79 42.33 -22.19
CA VAL D 212 -1.24 41.69 -21.02
C VAL D 212 -1.32 42.74 -19.92
N GLU D 213 -1.28 42.28 -18.67
CA GLU D 213 -1.22 43.17 -17.48
C GLU D 213 -0.06 42.89 -16.52
N TYR D 214 0.78 43.87 -16.27
CA TYR D 214 1.98 43.64 -15.45
C TYR D 214 2.10 44.76 -14.42
N LYS D 215 2.41 44.43 -13.16
CA LYS D 215 2.48 45.46 -12.12
C LYS D 215 1.35 46.48 -12.35
N ASN D 216 0.16 45.93 -12.62
CA ASN D 216 -1.09 46.69 -12.60
C ASN D 216 -1.27 47.66 -13.76
N ILE D 217 -0.46 47.47 -14.80
CA ILE D 217 -0.55 48.25 -16.04
C ILE D 217 -0.87 47.33 -17.18
N LYS D 218 -1.74 47.83 -18.04
CA LYS D 218 -2.18 47.08 -19.17
C LYS D 218 -1.45 47.47 -20.46
N TYR D 219 -0.98 46.46 -21.21
CA TYR D 219 -0.28 46.68 -22.48
C TYR D 219 -0.90 45.89 -23.61
N ILE D 220 -0.99 46.58 -24.75
CA ILE D 220 -1.30 46.03 -26.06
C ILE D 220 0.01 45.57 -26.72
N VAL D 221 0.07 44.28 -27.08
CA VAL D 221 1.12 43.72 -27.94
C VAL D 221 0.53 43.30 -29.30
N THR D 222 1.01 43.96 -30.35
CA THR D 222 0.51 43.73 -31.71
C THR D 222 1.58 43.18 -32.63
N GLY D 223 1.26 42.08 -33.32
CA GLY D 223 2.17 41.50 -34.31
C GLY D 223 1.71 41.82 -35.71
N SER D 224 2.67 42.01 -36.64
CA SER D 224 2.39 42.53 -37.98
C SER D 224 3.02 41.75 -39.10
N ARG D 225 2.49 41.88 -40.30
CA ARG D 225 3.20 41.39 -41.43
C ARG D 225 4.49 42.18 -41.64
N ASP D 226 4.77 43.26 -40.90
CA ASP D 226 6.05 43.90 -41.12
C ASP D 226 7.23 43.20 -40.47
N ASN D 227 7.04 42.09 -39.81
CA ASN D 227 8.15 41.43 -39.10
C ASN D 227 8.24 41.74 -37.64
N THR D 228 7.70 42.85 -37.20
CA THR D 228 7.88 43.28 -35.83
C THR D 228 6.62 43.11 -34.93
N LEU D 229 6.79 43.17 -33.62
CA LEU D 229 5.63 43.53 -32.76
C LEU D 229 5.91 44.89 -32.28
N HIS D 230 4.87 45.56 -31.85
CA HIS D 230 4.97 46.90 -31.27
C HIS D 230 4.26 46.71 -29.93
N VAL D 231 4.78 47.35 -28.89
CA VAL D 231 4.12 47.31 -27.63
C VAL D 231 3.58 48.70 -27.34
N TRP D 232 2.32 48.79 -26.92
CA TRP D 232 1.69 50.09 -26.57
C TRP D 232 1.06 49.94 -25.19
N LYS D 233 0.87 51.06 -24.48
CA LYS D 233 0.09 51.02 -23.24
C LYS D 233 -1.37 51.07 -23.60
N LEU D 234 -2.21 50.27 -22.93
CA LEU D 234 -3.65 50.46 -23.04
C LEU D 234 -4.02 51.75 -22.35
N PRO D 235 -4.63 52.66 -23.09
CA PRO D 235 -5.01 53.98 -22.57
C PRO D 235 -6.07 53.85 -21.48
N LYS D 236 -6.02 54.72 -20.47
CA LYS D 236 -6.91 54.55 -19.32
C LYS D 236 -8.05 55.57 -19.32
N GLU D 237 -7.69 56.82 -18.99
CA GLU D 237 -8.60 57.86 -18.43
C GLU D 237 -10.03 57.96 -19.02
N TYR D 249 -14.31 62.57 -31.86
CA TYR D 249 -13.34 62.14 -30.84
C TYR D 249 -12.02 62.01 -31.51
N PRO D 250 -11.80 60.84 -32.20
CA PRO D 250 -10.58 59.96 -32.13
C PRO D 250 -9.25 60.66 -32.13
N LEU D 251 -8.40 60.31 -31.16
CA LEU D 251 -7.05 60.84 -31.09
C LEU D 251 -6.12 60.03 -31.95
N VAL D 252 -5.57 60.66 -32.97
CA VAL D 252 -4.73 59.99 -33.94
C VAL D 252 -3.26 60.20 -33.68
N PHE D 253 -2.48 59.12 -33.66
CA PHE D 253 -1.05 59.24 -33.45
C PHE D 253 -0.27 58.73 -34.66
N HIS D 254 0.23 59.68 -35.47
CA HIS D 254 0.91 59.34 -36.71
C HIS D 254 2.35 58.97 -36.41
N THR D 255 2.87 59.42 -35.27
CA THR D 255 4.27 59.19 -35.00
C THR D 255 4.49 58.53 -33.68
N PRO D 256 4.95 57.26 -33.71
CA PRO D 256 5.11 56.50 -32.48
C PRO D 256 6.04 57.26 -31.53
N GLU D 257 7.08 57.88 -32.12
CA GLU D 257 8.07 58.68 -31.38
C GLU D 257 7.38 59.63 -30.42
N GLU D 258 6.28 60.25 -30.85
CA GLU D 258 5.61 61.32 -30.13
C GLU D 258 4.31 60.84 -29.49
N ASN D 259 4.12 59.55 -29.52
CA ASN D 259 2.91 58.98 -29.00
C ASN D 259 3.19 58.50 -27.57
N PRO D 260 2.50 59.07 -26.57
CA PRO D 260 2.83 58.68 -25.17
C PRO D 260 2.44 57.24 -24.78
N TYR D 261 1.69 56.55 -25.65
CA TYR D 261 1.20 55.22 -25.34
C TYR D 261 2.11 54.17 -25.97
N PHE D 262 3.06 54.65 -26.77
CA PHE D 262 4.01 53.80 -27.50
C PHE D 262 5.19 53.45 -26.58
N VAL D 263 5.38 52.13 -26.33
CA VAL D 263 6.52 51.63 -25.54
C VAL D 263 7.80 51.42 -26.40
N GLY D 264 7.67 50.65 -27.49
CA GLY D 264 8.82 50.30 -28.35
C GLY D 264 8.43 49.26 -29.37
N VAL D 265 9.39 48.84 -30.19
CA VAL D 265 9.24 47.78 -31.20
C VAL D 265 9.97 46.52 -30.79
N LEU D 266 9.40 45.35 -31.03
CA LEU D 266 10.12 44.06 -30.83
C LEU D 266 10.58 43.51 -32.18
N ARG D 267 11.89 43.46 -32.36
CA ARG D 267 12.50 43.07 -33.67
C ARG D 267 13.23 41.79 -33.43
N GLY D 268 13.06 40.85 -34.33
CA GLY D 268 13.79 39.62 -34.24
C GLY D 268 13.38 38.66 -35.31
N HIS D 269 12.06 38.56 -35.52
CA HIS D 269 11.48 37.78 -36.62
C HIS D 269 11.91 38.34 -37.98
N MET D 270 12.02 37.44 -38.96
CA MET D 270 12.51 37.72 -40.35
C MET D 270 11.33 37.61 -41.33
N ALA D 271 10.16 37.41 -40.78
CA ALA D 271 8.99 37.40 -41.63
C ALA D 271 7.74 37.67 -40.77
N SER D 272 6.61 37.75 -41.43
CA SER D 272 5.36 38.05 -40.81
C SER D 272 5.09 37.42 -39.42
N VAL D 273 4.55 38.21 -38.51
CA VAL D 273 4.21 37.66 -37.19
C VAL D 273 2.72 37.25 -37.15
N ARG D 274 2.43 35.93 -37.28
CA ARG D 274 1.05 35.43 -37.42
C ARG D 274 0.33 35.49 -36.08
N THR D 275 0.98 35.21 -34.95
CA THR D 275 0.30 34.76 -33.71
C THR D 275 1.02 35.26 -32.47
N VAL D 276 0.29 35.82 -31.50
CA VAL D 276 0.87 36.19 -30.20
C VAL D 276 0.06 35.74 -29.00
N SER D 277 0.74 35.41 -27.90
CA SER D 277 0.09 35.01 -26.67
C SER D 277 0.92 35.42 -25.47
N GLY D 278 0.37 36.29 -24.64
CA GLY D 278 1.12 36.71 -23.44
C GLY D 278 0.34 36.61 -22.15
N HIS D 279 1.10 36.63 -21.10
CA HIS D 279 0.62 36.78 -19.73
C HIS D 279 1.68 37.54 -18.92
N GLY D 280 1.26 38.59 -18.21
CA GLY D 280 2.20 39.36 -17.40
C GLY D 280 3.25 40.01 -18.28
N ASN D 281 4.52 39.88 -17.89
CA ASN D 281 5.60 40.52 -18.71
C ASN D 281 6.17 39.63 -19.81
N ILE D 282 5.59 38.45 -20.00
CA ILE D 282 6.10 37.47 -20.94
C ILE D 282 5.14 37.38 -22.10
N VAL D 283 5.69 37.45 -23.31
CA VAL D 283 4.85 37.37 -24.51
C VAL D 283 5.56 36.41 -25.44
N VAL D 284 4.80 35.51 -26.06
CA VAL D 284 5.37 34.65 -27.07
C VAL D 284 4.65 34.90 -28.42
N SER D 285 5.45 35.02 -29.48
CA SER D 285 4.98 35.25 -30.86
C SER D 285 5.52 34.13 -31.69
N GLY D 286 4.79 33.76 -32.74
CA GLY D 286 5.30 32.81 -33.72
C GLY D 286 5.18 33.50 -35.08
N SER D 287 6.04 33.10 -36.00
CA SER D 287 6.32 33.79 -37.25
C SER D 287 6.29 32.86 -38.45
N TYR D 288 6.04 33.45 -39.61
CA TYR D 288 6.26 32.77 -40.86
C TYR D 288 7.76 32.53 -41.11
N ASP D 289 8.63 33.08 -40.27
CA ASP D 289 10.05 32.71 -40.32
C ASP D 289 10.34 31.34 -39.70
N ASN D 290 9.31 30.62 -39.19
CA ASN D 290 9.43 29.24 -38.57
C ASN D 290 9.88 29.22 -37.12
N THR D 291 9.75 30.33 -36.45
CA THR D 291 10.39 30.53 -35.20
C THR D 291 9.38 31.11 -34.24
N LEU D 292 9.52 30.76 -32.96
CA LEU D 292 8.88 31.49 -31.89
C LEU D 292 9.90 32.32 -31.14
N ILE D 293 9.56 33.55 -30.82
CA ILE D 293 10.40 34.28 -29.92
C ILE D 293 9.66 34.41 -28.57
N VAL D 294 10.41 34.27 -27.47
CA VAL D 294 9.87 34.65 -26.20
C VAL D 294 10.48 35.98 -25.80
N TRP D 295 9.61 36.94 -25.42
CA TRP D 295 10.07 38.27 -25.00
C TRP D 295 9.71 38.65 -23.58
N ASP D 296 10.61 39.38 -22.91
CA ASP D 296 10.28 40.01 -21.65
C ASP D 296 9.79 41.37 -22.08
N VAL D 297 8.53 41.68 -21.77
CA VAL D 297 7.96 42.92 -22.22
C VAL D 297 8.18 44.14 -21.35
N ALA D 298 8.69 43.93 -20.13
CA ALA D 298 9.11 45.03 -19.25
C ALA D 298 10.51 45.46 -19.50
N GLN D 299 11.39 44.53 -19.93
CA GLN D 299 12.76 44.93 -20.35
C GLN D 299 12.81 45.20 -21.84
N MET D 300 11.70 44.96 -22.55
CA MET D 300 11.71 45.04 -24.06
C MET D 300 12.83 44.20 -24.75
N LYS D 301 13.10 43.02 -24.19
CA LYS D 301 14.13 42.10 -24.71
C LYS D 301 13.57 40.76 -25.16
N CYS D 302 14.23 40.22 -26.18
CA CYS D 302 14.16 38.84 -26.53
C CYS D 302 14.69 37.94 -25.39
N LEU D 303 13.93 36.92 -24.94
CA LEU D 303 14.51 35.96 -23.95
C LEU D 303 15.06 34.73 -24.64
N TYR D 304 14.22 34.20 -25.56
CA TYR D 304 14.52 32.99 -26.34
C TYR D 304 14.08 33.05 -27.80
N ILE D 305 14.92 32.48 -28.67
CA ILE D 305 14.45 32.09 -29.98
C ILE D 305 14.15 30.60 -29.87
N LEU D 306 12.98 30.18 -30.37
CA LEU D 306 12.64 28.78 -30.34
C LEU D 306 12.70 28.23 -31.73
N SER D 307 13.72 27.41 -31.98
CA SER D 307 14.06 26.85 -33.32
C SER D 307 13.84 25.36 -33.43
N GLY D 308 13.52 24.91 -34.64
CA GLY D 308 13.30 23.50 -34.94
C GLY D 308 12.05 23.24 -35.83
N HIS D 309 10.98 24.00 -35.71
CA HIS D 309 9.90 23.88 -36.68
C HIS D 309 10.46 24.08 -38.09
N THR D 310 9.87 23.48 -39.12
CA THR D 310 10.48 23.59 -40.42
C THR D 310 9.59 24.22 -41.44
N ASP D 311 8.58 24.95 -40.97
CA ASP D 311 7.67 25.69 -41.80
C ASP D 311 6.94 26.64 -40.86
N ARG D 312 6.15 27.53 -41.48
CA ARG D 312 5.41 28.57 -40.81
C ARG D 312 4.70 28.11 -39.54
N ILE D 313 4.74 28.98 -38.54
CA ILE D 313 4.00 28.80 -37.33
C ILE D 313 2.69 29.65 -37.40
N TYR D 314 1.54 29.05 -37.08
CA TYR D 314 0.30 29.79 -37.27
C TYR D 314 -0.47 29.94 -35.99
N SER D 315 -0.05 29.25 -34.92
CA SER D 315 -0.69 29.36 -33.62
C SER D 315 0.23 29.11 -32.42
N THR D 316 0.13 29.93 -31.37
CA THR D 316 0.90 29.66 -30.15
C THR D 316 0.09 29.98 -28.89
N ILE D 317 0.35 29.23 -27.82
CA ILE D 317 -0.25 29.54 -26.53
C ILE D 317 0.89 29.56 -25.59
N TYR D 318 1.00 30.69 -24.89
CA TYR D 318 1.93 30.74 -23.77
C TYR D 318 1.21 30.16 -22.59
N ASP D 319 1.67 29.01 -22.08
CA ASP D 319 1.08 28.38 -20.89
C ASP D 319 1.83 28.90 -19.63
N HIS D 320 1.30 29.99 -19.07
CA HIS D 320 1.87 30.65 -17.84
C HIS D 320 1.78 29.79 -16.57
N GLU D 321 0.73 28.99 -16.43
CA GLU D 321 0.59 28.20 -15.20
C GLU D 321 1.81 27.29 -15.13
N ARG D 322 2.14 26.65 -16.27
CA ARG D 322 3.11 25.58 -16.33
C ARG D 322 4.47 26.07 -16.84
N LYS D 323 4.55 27.34 -17.28
CA LYS D 323 5.79 27.97 -17.80
C LYS D 323 6.29 27.29 -19.05
N ARG D 324 5.37 27.15 -19.98
CA ARG D 324 5.64 26.44 -21.23
C ARG D 324 5.11 27.20 -22.43
N CYS D 325 5.63 26.90 -23.59
CA CYS D 325 5.09 27.41 -24.84
C CYS D 325 4.53 26.22 -25.61
N ILE D 326 3.39 26.44 -26.26
CA ILE D 326 2.88 25.43 -27.18
C ILE D 326 2.81 26.04 -28.54
N SER D 327 3.42 25.40 -29.54
CA SER D 327 3.30 25.97 -30.90
C SER D 327 2.81 24.98 -31.94
N ALA D 328 2.09 25.45 -32.96
CA ALA D 328 1.64 24.60 -34.07
C ALA D 328 2.11 25.19 -35.37
N SER D 329 2.53 24.32 -36.27
CA SER D 329 3.25 24.74 -37.42
C SER D 329 2.70 24.07 -38.65
N MET D 330 2.79 24.74 -39.79
CA MET D 330 2.50 24.12 -41.09
C MET D 330 3.29 22.82 -41.38
N ASP D 331 4.48 22.68 -40.79
CA ASP D 331 5.28 21.45 -40.81
C ASP D 331 4.53 20.28 -40.22
N THR D 332 3.35 20.51 -39.63
CA THR D 332 2.53 19.36 -39.25
C THR D 332 2.77 18.85 -37.83
N THR D 333 3.51 19.62 -37.03
CA THR D 333 3.85 19.21 -35.65
C THR D 333 3.35 20.23 -34.66
N ILE D 334 3.17 19.76 -33.44
CA ILE D 334 3.05 20.66 -32.33
C ILE D 334 4.28 20.46 -31.48
N ARG D 335 4.79 21.57 -30.99
CA ARG D 335 5.91 21.52 -30.02
C ARG D 335 5.53 22.29 -28.76
N ILE D 336 6.03 21.76 -27.67
CA ILE D 336 5.87 22.24 -26.34
C ILE D 336 7.25 22.59 -25.95
N TRP D 337 7.41 23.81 -25.51
CA TRP D 337 8.73 24.29 -25.19
C TRP D 337 8.71 24.72 -23.73
N ASP D 338 9.86 24.59 -23.08
CA ASP D 338 10.03 24.84 -21.65
C ASP D 338 10.62 26.22 -21.48
N LEU D 339 9.91 27.06 -20.72
CA LEU D 339 10.28 28.45 -20.71
C LEU D 339 11.26 28.76 -19.56
N GLU D 340 11.66 27.76 -18.78
CA GLU D 340 12.74 27.97 -17.83
C GLU D 340 14.11 28.08 -18.50
N ASN D 341 14.30 27.40 -19.65
CA ASN D 341 15.63 27.23 -20.22
C ASN D 341 15.63 27.39 -21.71
N GLY D 342 14.48 27.84 -22.21
CA GLY D 342 14.20 27.89 -23.66
C GLY D 342 14.32 26.55 -24.41
N GLU D 343 14.17 25.41 -23.72
CA GLU D 343 14.40 24.10 -24.36
C GLU D 343 13.14 23.45 -24.93
N LEU D 344 13.30 22.69 -26.03
CA LEU D 344 12.22 21.90 -26.59
C LEU D 344 11.88 20.77 -25.61
N MET D 345 10.58 20.61 -25.32
CA MET D 345 10.18 19.47 -24.51
C MET D 345 9.70 18.31 -25.32
N TYR D 346 8.70 18.55 -26.14
CA TYR D 346 7.96 17.45 -26.72
C TYR D 346 7.59 17.81 -28.13
N THR D 347 7.60 16.81 -29.00
CA THR D 347 7.09 17.02 -30.36
C THR D 347 5.94 16.09 -30.54
N LEU D 348 4.80 16.65 -30.94
CA LEU D 348 3.58 15.85 -31.21
C LEU D 348 3.34 15.75 -32.70
N GLN D 349 3.02 14.53 -33.18
CA GLN D 349 2.87 14.23 -34.60
C GLN D 349 2.36 12.83 -34.80
N GLY D 350 1.59 12.56 -35.84
CA GLY D 350 1.60 13.29 -37.08
C GLY D 350 0.92 12.29 -37.97
N HIS D 351 1.08 12.35 -39.28
CA HIS D 351 0.12 11.66 -40.17
C HIS D 351 -0.90 12.48 -40.91
N THR D 352 -1.36 13.59 -40.36
CA THR D 352 -2.25 14.48 -41.08
C THR D 352 -1.84 15.80 -40.46
N ALA D 353 -1.88 16.88 -41.26
CA ALA D 353 -1.59 18.25 -40.76
C ALA D 353 -2.56 18.71 -39.62
N LEU D 354 -2.08 19.56 -38.73
CA LEU D 354 -2.95 20.34 -37.84
C LEU D 354 -3.47 21.59 -38.57
N VAL D 355 -4.64 22.07 -38.16
CA VAL D 355 -5.17 23.33 -38.64
C VAL D 355 -5.79 24.06 -37.47
N GLY D 356 -6.03 25.36 -37.67
CA GLY D 356 -6.79 26.18 -36.77
C GLY D 356 -6.06 26.55 -35.51
N LEU D 357 -6.76 27.33 -34.69
CA LEU D 357 -6.15 27.81 -33.50
C LEU D 357 -6.21 26.70 -32.47
N LEU D 358 -5.15 26.61 -31.64
CA LEU D 358 -5.03 25.70 -30.51
C LEU D 358 -5.78 26.25 -29.29
N ARG D 359 -6.15 25.37 -28.34
CA ARG D 359 -6.73 25.82 -27.06
C ARG D 359 -6.22 25.02 -25.90
N LEU D 360 -6.11 25.65 -24.75
CA LEU D 360 -5.63 24.99 -23.56
C LEU D 360 -6.74 25.20 -22.57
N SER D 361 -7.44 24.15 -22.20
CA SER D 361 -8.34 24.25 -21.07
C SER D 361 -7.53 23.80 -19.89
N ASP D 362 -8.10 23.73 -18.72
CA ASP D 362 -7.33 23.26 -17.57
C ASP D 362 -6.92 21.82 -17.65
N LYS D 363 -7.61 21.02 -18.46
CA LYS D 363 -7.29 19.60 -18.57
C LYS D 363 -6.66 19.18 -19.87
N PHE D 364 -6.91 19.93 -20.94
CA PHE D 364 -6.61 19.47 -22.30
C PHE D 364 -5.90 20.53 -23.19
N LEU D 365 -4.94 20.09 -24.00
CA LEU D 365 -4.51 20.86 -25.13
C LEU D 365 -5.27 20.30 -26.29
N VAL D 366 -5.86 21.16 -27.10
CA VAL D 366 -6.75 20.67 -28.14
C VAL D 366 -6.38 21.33 -29.44
N SER D 367 -6.40 20.60 -30.54
CA SER D 367 -6.28 21.22 -31.83
C SER D 367 -7.12 20.49 -32.84
N ALA D 368 -7.55 21.21 -33.88
CA ALA D 368 -8.13 20.58 -35.05
C ALA D 368 -7.01 20.06 -35.96
N ALA D 369 -7.43 19.11 -36.81
CA ALA D 369 -6.59 18.42 -37.80
C ALA D 369 -7.25 18.36 -39.21
N ALA D 370 -6.42 18.14 -40.23
CA ALA D 370 -6.76 18.36 -41.65
C ALA D 370 -7.59 17.20 -42.14
N ASP D 371 -8.22 16.47 -41.23
CA ASP D 371 -8.98 15.31 -41.63
C ASP D 371 -10.37 15.30 -41.02
N GLY D 372 -10.81 16.46 -40.54
CA GLY D 372 -12.15 16.58 -39.99
C GLY D 372 -12.21 16.11 -38.55
N SER D 373 -11.09 16.25 -37.86
CA SER D 373 -11.11 15.83 -36.47
C SER D 373 -10.66 16.93 -35.57
N ILE D 374 -11.05 16.80 -34.31
CA ILE D 374 -10.39 17.46 -33.20
C ILE D 374 -9.68 16.46 -32.28
N ARG D 375 -8.47 16.79 -31.88
CA ARG D 375 -7.65 15.97 -31.03
C ARG D 375 -7.38 16.66 -29.69
N GLY D 376 -7.39 15.87 -28.62
CA GLY D 376 -7.06 16.37 -27.32
C GLY D 376 -6.01 15.52 -26.66
N TRP D 377 -5.06 16.24 -26.08
CA TRP D 377 -3.96 15.74 -25.29
C TRP D 377 -4.08 16.30 -23.86
N ASP D 378 -3.57 15.57 -22.90
CA ASP D 378 -3.58 15.98 -21.53
C ASP D 378 -2.71 17.21 -21.44
N ALA D 379 -3.10 18.20 -20.65
CA ALA D 379 -2.40 19.49 -20.74
C ALA D 379 -1.07 19.47 -19.97
N ASN D 380 -0.79 18.37 -19.33
CA ASN D 380 0.35 18.33 -18.48
C ASN D 380 1.45 17.44 -18.98
N ASP D 381 1.07 16.23 -19.38
CA ASP D 381 2.04 15.39 -20.01
C ASP D 381 1.67 15.06 -21.44
N TYR D 382 0.64 15.67 -21.98
CA TYR D 382 0.38 15.49 -23.44
C TYR D 382 0.19 14.06 -23.86
N SER D 383 -0.26 13.17 -22.97
CA SER D 383 -0.76 11.87 -23.47
C SER D 383 -2.06 12.05 -24.25
N ARG D 384 -2.35 11.07 -25.10
CA ARG D 384 -3.51 11.11 -25.98
C ARG D 384 -4.78 10.97 -25.13
N LYS D 385 -5.76 11.87 -25.35
CA LYS D 385 -6.99 11.87 -24.55
C LYS D 385 -8.28 11.69 -25.36
N PHE D 386 -8.40 12.31 -26.54
CA PHE D 386 -9.61 12.14 -27.33
C PHE D 386 -9.44 12.45 -28.82
N SER D 387 -10.22 11.79 -29.65
CA SER D 387 -10.40 12.22 -31.05
C SER D 387 -11.82 12.17 -31.42
N TYR D 388 -12.26 13.24 -32.07
CA TYR D 388 -13.62 13.27 -32.56
C TYR D 388 -13.65 13.61 -34.04
N HIS D 389 -14.59 13.00 -34.73
CA HIS D 389 -14.63 13.14 -36.16
C HIS D 389 -15.96 13.59 -36.69
N HIS D 390 -15.91 14.56 -37.59
CA HIS D 390 -17.10 14.95 -38.32
C HIS D 390 -17.30 13.79 -39.31
N THR D 391 -18.46 13.17 -39.31
CA THR D 391 -18.69 11.98 -40.11
C THR D 391 -18.43 12.29 -41.60
N ASN D 392 -18.84 13.50 -42.01
CA ASN D 392 -18.47 14.03 -43.30
C ASN D 392 -17.02 14.21 -43.12
N LEU D 393 -16.18 14.02 -44.13
CA LEU D 393 -14.78 14.28 -43.73
C LEU D 393 -14.43 15.76 -43.70
N SER D 394 -15.38 16.53 -43.18
CA SER D 394 -15.48 17.95 -43.46
C SER D 394 -14.49 18.77 -42.68
N ALA D 395 -13.62 19.46 -43.41
CA ALA D 395 -12.62 20.38 -42.82
C ALA D 395 -13.14 21.23 -41.65
N ILE D 396 -12.49 21.07 -40.49
CA ILE D 396 -12.90 21.83 -39.31
C ILE D 396 -12.60 23.33 -39.49
N THR D 397 -13.59 24.16 -39.29
CA THR D 397 -13.33 25.60 -39.33
C THR D 397 -13.11 26.25 -37.98
N THR D 398 -13.65 25.64 -36.93
CA THR D 398 -13.68 26.30 -35.66
C THR D 398 -14.13 25.28 -34.63
N PHE D 399 -13.61 25.40 -33.40
CA PHE D 399 -14.15 24.67 -32.28
C PHE D 399 -13.83 25.56 -31.08
N TYR D 400 -14.50 25.32 -29.96
CA TYR D 400 -14.14 25.93 -28.69
C TYR D 400 -14.31 24.76 -27.73
N VAL D 401 -13.57 24.77 -26.63
CA VAL D 401 -13.61 23.71 -25.64
C VAL D 401 -13.54 24.23 -24.22
N SER D 402 -13.93 23.39 -23.28
CA SER D 402 -13.52 23.55 -21.90
C SER D 402 -13.35 22.15 -21.36
N ASP D 403 -12.93 21.98 -20.11
CA ASP D 403 -12.84 20.61 -19.58
C ASP D 403 -14.14 19.76 -19.78
N ASN D 404 -15.31 20.38 -19.91
CA ASN D 404 -16.56 19.62 -19.98
C ASN D 404 -17.13 19.39 -21.39
N ILE D 405 -16.87 20.33 -22.31
CA ILE D 405 -17.61 20.37 -23.58
C ILE D 405 -16.73 20.74 -24.73
N LEU D 406 -16.93 20.05 -25.84
CA LEU D 406 -16.25 20.45 -27.05
C LEU D 406 -17.33 20.91 -28.02
N VAL D 407 -17.15 22.07 -28.65
CA VAL D 407 -18.12 22.46 -29.68
C VAL D 407 -17.37 22.65 -30.97
N SER D 408 -17.85 22.07 -32.06
CA SER D 408 -17.04 22.12 -33.24
C SER D 408 -17.86 22.34 -34.46
N GLY D 409 -17.28 23.04 -35.42
CA GLY D 409 -17.98 23.38 -36.65
C GLY D 409 -17.18 23.13 -37.90
N SER D 410 -17.90 22.88 -38.96
CA SER D 410 -17.30 22.68 -40.23
C SER D 410 -18.46 22.92 -41.15
N GLU D 411 -18.29 22.60 -42.41
CA GLU D 411 -19.34 22.83 -43.39
C GLU D 411 -20.60 22.01 -43.07
N ASN D 412 -21.72 22.69 -42.86
CA ASN D 412 -22.98 21.96 -42.68
C ASN D 412 -22.97 21.22 -41.36
N GLN D 413 -21.97 21.46 -40.53
CA GLN D 413 -21.89 20.66 -39.31
C GLN D 413 -21.57 21.49 -38.08
N PHE D 414 -22.32 21.24 -37.03
CA PHE D 414 -22.13 21.88 -35.75
C PHE D 414 -22.44 20.84 -34.71
N ASN D 415 -21.37 20.38 -34.06
CA ASN D 415 -21.45 19.30 -33.14
C ASN D 415 -21.16 19.76 -31.75
N ILE D 416 -21.77 19.09 -30.80
CA ILE D 416 -21.41 19.29 -29.42
C ILE D 416 -21.14 17.93 -28.78
N TYR D 417 -20.02 17.85 -28.07
CA TYR D 417 -19.60 16.64 -27.41
C TYR D 417 -19.48 16.78 -25.92
N ASN D 418 -19.79 15.70 -25.24
CA ASN D 418 -19.61 15.55 -23.81
C ASN D 418 -18.26 14.90 -23.59
N LEU D 419 -17.30 15.66 -23.12
CA LEU D 419 -15.97 15.16 -22.98
C LEU D 419 -15.81 14.14 -21.84
N ARG D 420 -16.78 14.06 -20.94
CA ARG D 420 -16.68 13.00 -19.88
C ARG D 420 -17.10 11.67 -20.41
N SER D 421 -18.20 11.65 -21.14
CA SER D 421 -18.68 10.41 -21.68
C SER D 421 -18.16 10.09 -23.10
N GLY D 422 -17.59 11.08 -23.79
CA GLY D 422 -16.98 10.90 -25.10
C GLY D 422 -17.99 10.80 -26.23
N LYS D 423 -19.20 11.33 -26.03
CA LYS D 423 -20.30 11.12 -26.97
C LYS D 423 -20.77 12.44 -27.52
N LEU D 424 -21.25 12.37 -28.77
CA LEU D 424 -21.90 13.46 -29.45
C LEU D 424 -23.18 13.72 -28.69
N VAL D 425 -23.40 14.93 -28.24
CA VAL D 425 -24.61 15.23 -27.51
C VAL D 425 -25.66 15.85 -28.43
N HIS D 426 -25.23 16.60 -29.44
CA HIS D 426 -26.11 17.34 -30.35
C HIS D 426 -25.44 17.53 -31.66
N ALA D 427 -26.10 17.08 -32.72
CA ALA D 427 -25.58 17.23 -34.07
C ALA D 427 -26.51 18.14 -34.83
N ASN D 428 -27.64 18.44 -34.19
CA ASN D 428 -28.83 18.94 -34.87
C ASN D 428 -28.92 20.47 -34.91
N ILE D 429 -28.28 21.13 -33.95
CA ILE D 429 -28.63 22.48 -33.49
C ILE D 429 -28.56 23.68 -34.45
N LEU D 430 -27.58 23.70 -35.33
CA LEU D 430 -27.47 24.77 -36.34
C LEU D 430 -27.35 24.14 -37.75
N LYS D 431 -28.27 23.21 -38.06
CA LYS D 431 -28.14 22.42 -39.30
C LYS D 431 -28.28 23.28 -40.52
N ASP D 432 -29.19 24.24 -40.42
CA ASP D 432 -29.57 25.09 -41.54
C ASP D 432 -28.46 26.06 -41.96
N ALA D 433 -27.35 26.07 -41.24
CA ALA D 433 -26.30 27.03 -41.55
C ALA D 433 -25.28 26.37 -42.47
N ASP D 434 -24.81 27.08 -43.49
CA ASP D 434 -23.85 26.53 -44.45
C ASP D 434 -22.44 26.42 -43.89
N GLN D 435 -21.91 27.52 -43.38
CA GLN D 435 -20.57 27.56 -42.86
C GLN D 435 -20.59 28.05 -41.43
N ILE D 436 -19.68 27.52 -40.59
CA ILE D 436 -19.49 28.00 -39.21
C ILE D 436 -18.11 28.66 -39.05
N TRP D 437 -18.05 29.96 -38.89
CA TRP D 437 -16.73 30.68 -38.89
C TRP D 437 -16.10 30.79 -37.55
N SER D 438 -16.91 30.95 -36.54
CA SER D 438 -16.31 31.14 -35.27
C SER D 438 -17.31 30.73 -34.21
N VAL D 439 -16.82 30.13 -33.13
CA VAL D 439 -17.69 29.64 -32.05
C VAL D 439 -17.06 29.86 -30.68
N ASN D 440 -17.85 30.36 -29.73
CA ASN D 440 -17.34 30.62 -28.40
C ASN D 440 -18.45 30.37 -27.41
N PHE D 441 -18.14 29.86 -26.21
CA PHE D 441 -19.16 29.67 -25.20
C PHE D 441 -18.64 29.84 -23.77
N LYS D 442 -19.52 30.17 -22.83
CA LYS D 442 -19.20 30.25 -21.40
C LYS D 442 -20.56 30.01 -20.69
N GLY D 443 -20.57 29.15 -19.68
CA GLY D 443 -21.81 28.70 -19.03
C GLY D 443 -23.02 28.40 -19.92
N LYS D 444 -24.06 29.19 -19.77
CA LYS D 444 -25.28 28.93 -20.47
C LYS D 444 -25.21 29.41 -21.90
N THR D 445 -24.28 30.31 -22.22
CA THR D 445 -24.32 30.93 -23.52
C THR D 445 -23.32 30.33 -24.43
N LEU D 446 -23.73 30.18 -25.70
CA LEU D 446 -22.94 29.70 -26.79
C LEU D 446 -23.19 30.58 -27.99
N VAL D 447 -22.14 31.05 -28.64
CA VAL D 447 -22.34 31.93 -29.77
C VAL D 447 -21.56 31.44 -30.98
N ALA D 448 -22.15 31.67 -32.16
CA ALA D 448 -21.52 31.26 -33.37
C ALA D 448 -21.56 32.34 -34.43
N ALA D 449 -20.44 32.61 -35.05
CA ALA D 449 -20.47 33.44 -36.26
C ALA D 449 -20.71 32.46 -37.42
N VAL D 450 -21.79 32.61 -38.17
CA VAL D 450 -22.17 31.67 -39.25
C VAL D 450 -22.46 32.29 -40.63
N GLU D 451 -22.57 31.40 -41.63
CA GLU D 451 -22.99 31.78 -42.98
C GLU D 451 -24.23 30.97 -43.41
N LYS D 452 -25.26 31.68 -43.89
CA LYS D 452 -26.46 31.05 -44.47
C LYS D 452 -26.72 31.63 -45.81
N ASP D 453 -26.93 30.74 -46.79
CA ASP D 453 -27.33 31.10 -48.15
C ASP D 453 -26.48 32.28 -48.61
N GLY D 454 -25.16 32.13 -48.51
CA GLY D 454 -24.22 33.22 -48.82
C GLY D 454 -24.49 34.49 -48.02
N GLN D 455 -24.74 34.35 -46.70
CA GLN D 455 -24.85 35.51 -45.83
C GLN D 455 -24.49 35.27 -44.37
N SER D 456 -23.85 36.24 -43.70
CA SER D 456 -23.50 36.08 -42.28
C SER D 456 -24.49 36.50 -41.21
N PHE D 457 -24.50 35.72 -40.13
CA PHE D 457 -25.42 35.87 -39.02
C PHE D 457 -24.63 35.66 -37.72
N LEU D 458 -25.21 36.07 -36.59
CA LEU D 458 -24.65 35.72 -35.28
C LEU D 458 -25.71 34.89 -34.55
N GLU D 459 -25.30 33.76 -33.99
CA GLU D 459 -26.29 32.91 -33.40
C GLU D 459 -26.00 32.84 -31.94
N ILE D 460 -27.04 33.03 -31.13
CA ILE D 460 -26.89 32.92 -29.69
C ILE D 460 -27.78 31.81 -29.19
N LEU D 461 -27.11 30.79 -28.63
CA LEU D 461 -27.75 29.61 -28.05
C LEU D 461 -27.66 29.64 -26.53
N ASP D 462 -28.78 29.39 -25.86
CA ASP D 462 -28.87 29.63 -24.42
C ASP D 462 -29.41 28.39 -23.79
N PHE D 463 -28.73 27.88 -22.75
CA PHE D 463 -28.97 26.56 -22.18
C PHE D 463 -29.52 26.66 -20.77
N SER D 464 -30.02 27.84 -20.42
CA SER D 464 -30.83 28.05 -19.20
C SER D 464 -32.11 27.22 -19.23
S SO4 E . 16.52 -9.17 29.82
O1 SO4 E . 17.80 -8.45 29.86
O2 SO4 E . 16.72 -10.61 30.02
O3 SO4 E . 15.69 -8.79 30.97
O4 SO4 E . 15.83 -8.85 28.55
S SO4 F . 19.81 -3.64 39.96
O1 SO4 F . 20.93 -3.53 38.99
O2 SO4 F . 19.00 -4.86 39.69
O3 SO4 F . 20.20 -3.79 41.38
O4 SO4 F . 18.99 -2.43 39.80
S SO4 G . 2.38 -29.70 4.70
O1 SO4 G . 3.83 -29.44 4.61
O2 SO4 G . 1.88 -29.16 5.99
O3 SO4 G . 2.17 -31.16 4.61
O4 SO4 G . 1.81 -29.01 3.52
S SO4 H . 1.74 -47.89 23.26
O1 SO4 H . 3.14 -47.67 23.00
O2 SO4 H . 1.27 -47.04 24.36
O3 SO4 H . 1.61 -49.30 23.65
O4 SO4 H . 1.00 -47.53 22.02
S SO4 I . 5.35 -31.42 19.25
O1 SO4 I . 6.59 -31.14 18.47
O2 SO4 I . 5.45 -32.87 19.31
O3 SO4 I . 5.30 -30.97 20.65
O4 SO4 I . 4.09 -30.86 18.69
C1 C1C J . -5.56 11.96 -29.54
C2 C1C J . -5.57 10.72 -30.14
C3 C1C J . -4.71 10.49 -31.23
C4 C1C J . -3.82 11.52 -31.67
C5 C1C J . -3.81 12.77 -31.02
C6 C1C J . -4.69 12.98 -29.96
C7 C1C J . -4.73 9.23 -31.83
C8 C1C J . -3.85 9.03 -32.89
C9 C1C J . -2.98 10.03 -33.33
C10 C1C J . -2.92 11.30 -32.72
C11 C1C J . -2.07 12.35 -33.12
C12 C1C J . -2.41 13.14 -34.23
C13 C1C J . -1.62 14.21 -34.59
C14 C1C J . -0.49 14.54 -33.88
C15 C1C J . -0.14 13.78 -32.77
C16 C1C J . -0.92 12.70 -32.40
C17 C1C J . -3.56 12.88 -34.97
C18 C1C J . -3.88 13.64 -36.08
C19 C1C J . -3.08 14.72 -36.46
C20 C1C J . -1.96 15.00 -35.69
C21 C1C J . -0.46 11.96 -31.16
O22 C1C J . -0.17 12.69 -30.15
O23 C1C J . -0.46 10.71 -31.21
C24 C1C J . -2.06 9.71 -34.46
O25 C1C J . -0.85 9.81 -34.23
O26 C1C J . -2.54 9.33 -35.54
S SO4 K . -13.36 9.66 -22.47
O1 SO4 K . -12.18 10.18 -23.21
O2 SO4 K . -13.11 8.31 -21.87
O3 SO4 K . -13.63 10.53 -21.30
O4 SO4 K . -14.48 9.60 -23.43
S SO4 L . -2.59 38.96 -18.48
O1 SO4 L . -1.16 39.34 -18.63
O2 SO4 L . -3.04 39.13 -17.09
O3 SO4 L . -2.76 37.58 -18.95
O4 SO4 L . -3.47 39.81 -19.28
S SO4 M . -2.34 34.59 -43.63
O1 SO4 M . -2.56 35.05 -45.01
O2 SO4 M . -1.63 33.30 -43.68
O3 SO4 M . -1.56 35.64 -42.90
O4 SO4 M . -3.66 34.35 -43.04
S SO4 N . -15.33 44.90 -11.91
O1 SO4 N . -15.94 45.62 -13.04
O2 SO4 N . -15.51 43.44 -12.05
O3 SO4 N . -13.88 45.11 -11.81
O4 SO4 N . -15.93 45.48 -10.68
S SO4 O . -17.25 20.86 16.97
O1 SO4 O . -16.08 20.01 16.65
O2 SO4 O . -17.68 20.64 18.36
O3 SO4 O . -16.81 22.28 16.88
O4 SO4 O . -18.33 20.62 15.98
S SO4 P . -13.51 25.58 5.64
O1 SO4 P . -12.50 25.92 4.60
O2 SO4 P . -14.20 24.28 5.53
O3 SO4 P . -12.89 25.46 6.98
O4 SO4 P . -14.53 26.64 5.53
C1 GOL Q . -9.82 35.00 -27.13
O1 GOL Q . -8.63 35.00 -27.90
C2 GOL Q . -10.46 33.64 -27.22
O2 GOL Q . -10.81 33.33 -28.56
C3 GOL Q . -11.72 33.79 -26.43
O3 GOL Q . -11.46 33.18 -25.19
#